data_1GER
#
_entry.id   1GER
#
_cell.length_a   120.500
_cell.length_b   73.600
_cell.length_c   60.500
_cell.angle_alpha   90.00
_cell.angle_beta   90.00
_cell.angle_gamma   83.00
#
_symmetry.space_group_name_H-M   'P 1 1 21'
#
loop_
_entity.id
_entity.type
_entity.pdbx_description
1 polymer 'GLUTATHIONE REDUCTASE'
2 non-polymer 'FLAVIN-ADENINE DINUCLEOTIDE'
3 water water
#
_entity_poly.entity_id   1
_entity_poly.type   'polypeptide(L)'
_entity_poly.pdbx_seq_one_letter_code
;MTKHYDYIAIGGGSGGIASINRAAMYGQKCALIEAKELGGTCVNVGCVPKKVMWHAAQIREAIHMYGPDYGFDTTINKFN
WETLIASRTAYIDRIHTSYENVLGKNNVDVIKGFARFVDAKTLEVNGETITADHILIATGGRPSHPDIPGVEYGIDSDGF
FALPALPERVAVVGAGYIAVELAGVINGLGAKTHLFVRKHAPLRSFDPMISETLVEVMNAEGPQLHTNAIPKAVVKNTDG
SLTLELEDGRSETVDCLIWAIGREPANDNINLEAAGVKTNEKGYIVVDKYQNTNIEGIYAVGDNTGAVELTPVAVAAGRR
LSERLFNNKPDEHLDYSNIPTVVFSHPPIGTVGLTEPQAREQYGDDQVKVYKSSFTAMYTAVTTHRQPCRMKLVCVGSEE
KIVGIHGIGFGMDEMLQGFAVALKMGATKKDFDNTVAIHPTAAEEFVTMR
;
_entity_poly.pdbx_strand_id   A,B
#
loop_
_chem_comp.id
_chem_comp.type
_chem_comp.name
_chem_comp.formula
FAD non-polymer 'FLAVIN-ADENINE DINUCLEOTIDE' 'C27 H33 N9 O15 P2'
#
# COMPACT_ATOMS: atom_id res chain seq x y z
N LYS A 3 43.51 -21.43 -4.48
CA LYS A 3 43.58 -20.40 -3.46
C LYS A 3 42.73 -20.92 -2.31
N HIS A 4 42.90 -20.45 -1.07
CA HIS A 4 42.09 -20.91 0.04
C HIS A 4 41.27 -19.74 0.63
N TYR A 5 40.01 -20.02 0.97
CA TYR A 5 39.07 -19.03 1.48
C TYR A 5 38.42 -19.62 2.69
N ASP A 6 37.90 -18.73 3.52
CA ASP A 6 37.12 -19.20 4.65
C ASP A 6 35.72 -19.69 4.29
N TYR A 7 35.13 -18.99 3.30
CA TYR A 7 33.74 -19.19 2.91
C TYR A 7 33.63 -18.92 1.43
N ILE A 8 33.03 -19.87 0.74
CA ILE A 8 32.72 -19.73 -0.68
C ILE A 8 31.20 -19.99 -0.89
N ALA A 9 30.55 -19.10 -1.64
CA ALA A 9 29.17 -19.36 -1.98
C ALA A 9 29.17 -19.57 -3.46
N ILE A 10 28.69 -20.74 -3.82
CA ILE A 10 28.41 -21.03 -5.23
C ILE A 10 26.99 -20.45 -5.64
N GLY A 11 26.98 -19.41 -6.44
CA GLY A 11 25.81 -18.72 -6.93
C GLY A 11 25.68 -17.35 -6.30
N GLY A 12 25.59 -16.39 -7.22
CA GLY A 12 25.47 -14.97 -6.87
C GLY A 12 24.04 -14.47 -7.01
N GLY A 13 23.07 -15.25 -6.53
CA GLY A 13 21.64 -14.91 -6.57
C GLY A 13 21.26 -14.44 -5.18
N SER A 14 20.01 -14.51 -4.79
CA SER A 14 19.57 -13.99 -3.52
C SER A 14 20.19 -14.61 -2.28
N GLY A 15 20.28 -15.92 -2.19
CA GLY A 15 20.87 -16.54 -1.05
C GLY A 15 22.39 -16.34 -1.03
N GLY A 16 23.12 -16.43 -2.13
CA GLY A 16 24.56 -16.39 -2.14
C GLY A 16 25.07 -15.03 -1.74
N ILE A 17 24.57 -13.96 -2.37
CA ILE A 17 24.96 -12.60 -2.00
C ILE A 17 24.59 -12.30 -0.59
N ALA A 18 23.40 -12.61 -0.11
CA ALA A 18 23.11 -12.22 1.26
C ALA A 18 24.01 -12.92 2.27
N SER A 19 24.31 -14.21 2.04
CA SER A 19 25.12 -14.93 3.01
C SER A 19 26.60 -14.49 2.99
N ILE A 20 27.16 -14.27 1.81
CA ILE A 20 28.58 -13.94 1.70
C ILE A 20 28.78 -12.52 2.27
N ASN A 21 27.92 -11.51 2.02
CA ASN A 21 28.07 -10.16 2.61
C ASN A 21 27.97 -10.19 4.11
N ARG A 22 27.09 -11.01 4.68
CA ARG A 22 27.02 -11.02 6.10
C ARG A 22 28.26 -11.71 6.68
N ALA A 23 28.87 -12.68 6.00
CA ALA A 23 29.99 -13.41 6.60
C ALA A 23 31.21 -12.51 6.56
N ALA A 24 31.32 -11.72 5.47
CA ALA A 24 32.48 -10.84 5.27
C ALA A 24 32.50 -9.75 6.32
N MET A 25 31.36 -9.39 6.91
CA MET A 25 31.30 -8.40 7.99
C MET A 25 31.93 -8.92 9.27
N TYR A 26 32.00 -10.25 9.43
CA TYR A 26 32.58 -10.83 10.62
C TYR A 26 34.04 -11.21 10.41
N GLY A 27 34.68 -10.63 9.39
CA GLY A 27 36.10 -10.85 9.19
C GLY A 27 36.47 -12.12 8.45
N GLN A 28 35.56 -12.71 7.70
CA GLN A 28 35.84 -13.92 6.95
C GLN A 28 36.35 -13.55 5.59
N LYS A 29 37.27 -14.34 5.05
CA LYS A 29 37.69 -14.09 3.68
C LYS A 29 36.82 -15.00 2.78
N CYS A 30 36.12 -14.35 1.87
CA CYS A 30 35.07 -14.93 1.09
C CYS A 30 35.23 -14.83 -0.39
N ALA A 31 34.70 -15.85 -1.07
CA ALA A 31 34.59 -15.79 -2.52
C ALA A 31 33.12 -16.05 -2.88
N LEU A 32 32.67 -15.49 -3.99
CA LEU A 32 31.35 -15.75 -4.51
C LEU A 32 31.55 -16.17 -5.96
N ILE A 33 31.04 -17.31 -6.36
CA ILE A 33 31.22 -17.71 -7.74
C ILE A 33 29.86 -17.57 -8.40
N GLU A 34 29.80 -16.94 -9.56
CA GLU A 34 28.58 -16.75 -10.30
C GLU A 34 28.85 -17.03 -11.76
N ALA A 35 28.13 -17.91 -12.41
CA ALA A 35 28.33 -18.14 -13.83
C ALA A 35 27.77 -17.12 -14.79
N LYS A 36 26.85 -16.25 -14.41
CA LYS A 36 26.18 -15.41 -15.41
C LYS A 36 26.08 -14.00 -14.87
N GLU A 37 24.96 -13.57 -14.28
CA GLU A 37 24.83 -12.19 -13.82
C GLU A 37 24.61 -12.15 -12.35
N LEU A 38 25.24 -11.19 -11.68
CA LEU A 38 25.01 -11.00 -10.27
C LEU A 38 23.53 -10.66 -10.04
N GLY A 39 23.03 -11.12 -8.91
CA GLY A 39 21.64 -10.88 -8.59
C GLY A 39 20.77 -12.09 -8.85
N GLY A 40 21.22 -13.03 -9.68
CA GLY A 40 20.50 -14.26 -9.87
C GLY A 40 19.15 -14.08 -10.56
N THR A 41 18.28 -15.05 -10.28
CA THR A 41 16.97 -15.08 -10.92
C THR A 41 16.15 -13.83 -10.57
N CYS A 42 16.11 -13.34 -9.33
CA CYS A 42 15.23 -12.24 -8.98
C CYS A 42 15.61 -10.95 -9.67
N VAL A 43 16.89 -10.58 -9.78
CA VAL A 43 17.23 -9.33 -10.46
C VAL A 43 17.07 -9.39 -11.98
N ASN A 44 17.43 -10.54 -12.53
CA ASN A 44 17.60 -10.64 -13.97
C ASN A 44 16.43 -11.18 -14.74
N VAL A 45 15.74 -12.17 -14.24
CA VAL A 45 14.64 -12.77 -15.03
C VAL A 45 13.55 -13.07 -13.98
N GLY A 46 13.31 -12.21 -13.01
CA GLY A 46 12.44 -12.61 -11.91
C GLY A 46 11.73 -11.39 -11.31
N CYS A 47 11.83 -11.20 -10.01
CA CYS A 47 11.18 -10.13 -9.27
C CYS A 47 11.14 -8.73 -9.90
N VAL A 48 12.34 -8.25 -10.21
CA VAL A 48 12.53 -6.91 -10.68
C VAL A 48 11.98 -6.65 -12.10
N PRO A 49 12.31 -7.40 -13.17
CA PRO A 49 11.76 -7.14 -14.47
C PRO A 49 10.23 -7.42 -14.52
N LYS A 50 9.73 -8.40 -13.74
CA LYS A 50 8.32 -8.74 -13.61
C LYS A 50 7.55 -7.54 -13.06
N LYS A 51 8.01 -6.93 -11.96
CA LYS A 51 7.34 -5.76 -11.41
C LYS A 51 7.40 -4.56 -12.34
N VAL A 52 8.45 -4.32 -13.15
CA VAL A 52 8.44 -3.25 -14.10
C VAL A 52 7.37 -3.49 -15.14
N MET A 53 7.19 -4.73 -15.57
CA MET A 53 6.22 -5.06 -16.62
C MET A 53 4.78 -4.92 -16.07
N TRP A 54 4.61 -5.24 -14.78
CA TRP A 54 3.35 -5.03 -14.06
C TRP A 54 3.01 -3.56 -13.99
N HIS A 55 3.96 -2.68 -13.66
CA HIS A 55 3.66 -1.25 -13.63
C HIS A 55 3.35 -0.77 -15.02
N ALA A 56 3.98 -1.32 -16.05
CA ALA A 56 3.63 -0.92 -17.42
C ALA A 56 2.17 -1.29 -17.75
N ALA A 57 1.68 -2.47 -17.33
CA ALA A 57 0.30 -2.93 -17.54
C ALA A 57 -0.60 -1.98 -16.77
N GLN A 58 -0.24 -1.66 -15.53
CA GLN A 58 -1.02 -0.74 -14.74
C GLN A 58 -1.20 0.61 -15.43
N ILE A 59 -0.21 1.15 -16.08
CA ILE A 59 -0.30 2.41 -16.79
C ILE A 59 -1.23 2.25 -17.98
N ARG A 60 -1.04 1.18 -18.78
CA ARG A 60 -1.91 0.95 -19.93
C ARG A 60 -3.37 0.81 -19.47
N GLU A 61 -3.65 0.17 -18.34
CA GLU A 61 -5.02 0.07 -17.80
C GLU A 61 -5.55 1.40 -17.33
N ALA A 62 -4.76 2.27 -16.66
CA ALA A 62 -5.16 3.60 -16.29
C ALA A 62 -5.56 4.33 -17.55
N ILE A 63 -4.81 4.23 -18.63
CA ILE A 63 -5.13 4.90 -19.90
C ILE A 63 -6.37 4.40 -20.58
N HIS A 64 -6.34 3.11 -20.81
CA HIS A 64 -7.34 2.50 -21.63
C HIS A 64 -8.62 2.07 -20.92
N MET A 65 -8.52 1.62 -19.69
CA MET A 65 -9.65 1.06 -19.00
C MET A 65 -10.32 2.02 -18.03
N TYR A 66 -9.56 2.70 -17.19
CA TYR A 66 -10.20 3.52 -16.17
C TYR A 66 -10.30 5.01 -16.53
N GLY A 67 -9.31 5.56 -17.24
CA GLY A 67 -9.19 6.95 -17.65
C GLY A 67 -10.47 7.52 -18.28
N PRO A 68 -11.17 6.86 -19.22
CA PRO A 68 -12.41 7.37 -19.81
C PRO A 68 -13.47 7.77 -18.81
N ASP A 69 -13.70 7.03 -17.72
CA ASP A 69 -14.70 7.38 -16.72
C ASP A 69 -14.28 8.43 -15.74
N TYR A 70 -12.96 8.73 -15.78
CA TYR A 70 -12.46 9.83 -15.02
C TYR A 70 -12.41 11.07 -15.92
N GLY A 71 -12.87 10.98 -17.16
CA GLY A 71 -12.95 12.13 -18.02
C GLY A 71 -11.82 12.21 -19.03
N PHE A 72 -10.88 11.29 -19.14
CA PHE A 72 -9.73 11.41 -20.05
C PHE A 72 -9.96 10.65 -21.35
N ASP A 73 -10.18 11.36 -22.45
CA ASP A 73 -10.30 10.69 -23.72
C ASP A 73 -8.88 10.80 -24.32
N THR A 74 -8.31 9.61 -24.44
CA THR A 74 -6.91 9.42 -24.79
C THR A 74 -6.72 8.54 -26.00
N THR A 75 -5.73 8.81 -26.84
CA THR A 75 -5.37 7.87 -27.89
C THR A 75 -3.98 7.35 -27.57
N ILE A 76 -3.77 6.02 -27.58
CA ILE A 76 -2.42 5.49 -27.51
C ILE A 76 -1.95 5.46 -28.97
N ASN A 77 -1.06 6.37 -29.29
CA ASN A 77 -0.56 6.44 -30.65
C ASN A 77 0.32 5.27 -30.97
N LYS A 78 1.15 4.88 -30.01
CA LYS A 78 2.15 3.84 -30.19
C LYS A 78 2.52 3.34 -28.83
N PHE A 79 2.79 2.05 -28.76
CA PHE A 79 3.32 1.43 -27.58
C PHE A 79 4.66 0.96 -28.16
N ASN A 80 5.70 1.62 -27.74
CA ASN A 80 7.04 1.33 -28.18
C ASN A 80 7.69 0.27 -27.28
N TRP A 81 7.63 -1.04 -27.62
CA TRP A 81 8.18 -2.10 -26.74
C TRP A 81 9.67 -2.00 -26.44
N GLU A 82 10.47 -1.53 -27.40
CA GLU A 82 11.92 -1.34 -27.29
C GLU A 82 12.23 -0.27 -26.28
N THR A 83 11.45 0.82 -26.19
CA THR A 83 11.68 1.85 -25.16
C THR A 83 11.54 1.25 -23.77
N LEU A 84 10.47 0.46 -23.55
CA LEU A 84 10.24 -0.14 -22.24
C LEU A 84 11.35 -1.14 -21.88
N ILE A 85 11.82 -1.93 -22.86
CA ILE A 85 12.88 -2.90 -22.59
C ILE A 85 14.21 -2.17 -22.33
N ALA A 86 14.55 -1.17 -23.15
CA ALA A 86 15.73 -0.33 -22.89
C ALA A 86 15.61 0.32 -21.49
N SER A 87 14.47 0.91 -21.06
CA SER A 87 14.35 1.45 -19.70
C SER A 87 14.51 0.40 -18.63
N ARG A 88 13.94 -0.81 -18.83
CA ARG A 88 14.07 -1.92 -17.88
C ARG A 88 15.50 -2.43 -17.77
N THR A 89 16.17 -2.57 -18.92
CA THR A 89 17.54 -3.03 -18.94
C THR A 89 18.48 -2.04 -18.25
N ALA A 90 18.36 -0.72 -18.50
CA ALA A 90 19.24 0.27 -17.85
C ALA A 90 19.06 0.18 -16.33
N TYR A 91 17.84 -0.01 -15.84
CA TYR A 91 17.60 -0.12 -14.39
C TYR A 91 18.29 -1.35 -13.83
N ILE A 92 18.17 -2.51 -14.49
CA ILE A 92 18.83 -3.73 -14.00
C ILE A 92 20.36 -3.57 -14.07
N ASP A 93 20.88 -2.83 -15.04
CA ASP A 93 22.31 -2.58 -15.15
C ASP A 93 22.79 -1.74 -13.98
N ARG A 94 22.02 -0.72 -13.61
CA ARG A 94 22.31 0.04 -12.39
C ARG A 94 22.27 -0.83 -11.15
N ILE A 95 21.35 -1.78 -11.03
CA ILE A 95 21.32 -2.66 -9.87
C ILE A 95 22.59 -3.52 -9.87
N HIS A 96 23.03 -4.04 -11.03
CA HIS A 96 24.26 -4.87 -11.07
C HIS A 96 25.45 -4.12 -10.48
N THR A 97 25.67 -2.86 -10.92
CA THR A 97 26.73 -1.96 -10.42
C THR A 97 26.63 -1.79 -8.92
N SER A 98 25.45 -1.53 -8.37
CA SER A 98 25.31 -1.50 -6.94
C SER A 98 25.72 -2.79 -6.26
N TYR A 99 25.40 -3.98 -6.79
CA TYR A 99 25.76 -5.21 -6.10
C TYR A 99 27.26 -5.34 -6.09
N GLU A 100 27.88 -4.97 -7.21
CA GLU A 100 29.31 -5.09 -7.34
C GLU A 100 29.98 -4.20 -6.33
N ASN A 101 29.48 -2.96 -6.20
CA ASN A 101 30.04 -2.03 -5.23
C ASN A 101 29.99 -2.57 -3.81
N VAL A 102 28.88 -3.23 -3.44
CA VAL A 102 28.76 -3.75 -2.08
C VAL A 102 29.70 -4.92 -1.78
N LEU A 103 29.85 -5.81 -2.76
CA LEU A 103 30.75 -6.94 -2.62
C LEU A 103 32.19 -6.46 -2.53
N GLY A 104 32.54 -5.49 -3.37
CA GLY A 104 33.88 -4.90 -3.40
C GLY A 104 34.26 -4.30 -2.05
N LYS A 105 33.40 -3.44 -1.52
CA LYS A 105 33.62 -2.82 -0.22
C LYS A 105 33.81 -3.85 0.86
N ASN A 106 33.08 -4.96 0.73
CA ASN A 106 33.16 -6.05 1.68
C ASN A 106 34.37 -6.90 1.47
N ASN A 107 35.12 -6.63 0.41
CA ASN A 107 36.32 -7.40 0.10
C ASN A 107 36.05 -8.85 -0.23
N VAL A 108 34.95 -9.08 -0.94
CA VAL A 108 34.60 -10.43 -1.33
C VAL A 108 35.22 -10.66 -2.71
N ASP A 109 35.90 -11.76 -3.01
CA ASP A 109 36.32 -11.98 -4.39
C ASP A 109 35.20 -12.69 -5.15
N VAL A 110 34.83 -11.98 -6.19
CA VAL A 110 33.82 -12.43 -7.11
C VAL A 110 34.53 -13.15 -8.25
N ILE A 111 34.20 -14.42 -8.47
CA ILE A 111 34.74 -15.23 -9.54
C ILE A 111 33.64 -15.49 -10.56
N LYS A 112 33.82 -15.09 -11.80
CA LYS A 112 32.83 -15.31 -12.86
C LYS A 112 33.13 -16.65 -13.49
N GLY A 113 32.35 -17.67 -13.27
CA GLY A 113 32.60 -18.93 -13.96
C GLY A 113 31.69 -19.93 -13.35
N PHE A 114 31.70 -21.14 -13.92
CA PHE A 114 30.87 -22.23 -13.44
C PHE A 114 31.70 -23.18 -12.57
N ALA A 115 31.28 -23.33 -11.33
CA ALA A 115 31.97 -24.11 -10.34
C ALA A 115 31.49 -25.53 -10.25
N ARG A 116 32.39 -26.49 -10.01
CA ARG A 116 32.03 -27.88 -9.79
C ARG A 116 32.88 -28.38 -8.64
N PHE A 117 32.35 -29.33 -7.89
CA PHE A 117 33.05 -29.96 -6.79
C PHE A 117 34.08 -30.93 -7.35
N VAL A 118 35.25 -30.94 -6.71
CA VAL A 118 36.33 -31.86 -6.99
C VAL A 118 36.21 -32.86 -5.82
N ASP A 119 36.11 -32.33 -4.61
CA ASP A 119 35.83 -33.13 -3.42
C ASP A 119 35.08 -32.25 -2.43
N ALA A 120 34.79 -32.75 -1.22
CA ALA A 120 34.09 -31.98 -0.20
C ALA A 120 34.61 -30.58 0.13
N LYS A 121 35.88 -30.27 -0.18
CA LYS A 121 36.41 -28.98 0.21
C LYS A 121 37.04 -28.33 -0.99
N THR A 122 36.84 -28.87 -2.19
CA THR A 122 37.55 -28.30 -3.31
C THR A 122 36.69 -28.05 -4.52
N LEU A 123 36.89 -26.92 -5.18
CA LEU A 123 36.06 -26.56 -6.30
C LEU A 123 36.97 -26.22 -7.45
N GLU A 124 36.57 -26.52 -8.66
CA GLU A 124 37.33 -26.11 -9.83
C GLU A 124 36.43 -25.12 -10.54
N VAL A 125 37.01 -24.05 -11.02
CA VAL A 125 36.25 -23.00 -11.66
C VAL A 125 37.27 -22.50 -12.65
N ASN A 126 36.93 -22.47 -13.93
CA ASN A 126 37.79 -21.88 -14.96
C ASN A 126 39.22 -22.43 -15.03
N GLY A 127 39.40 -23.73 -14.79
CA GLY A 127 40.74 -24.30 -14.73
C GLY A 127 41.24 -24.31 -13.30
N GLU A 128 41.13 -23.17 -12.64
CA GLU A 128 41.61 -23.03 -11.27
C GLU A 128 40.88 -23.92 -10.27
N THR A 129 41.61 -24.35 -9.25
CA THR A 129 41.10 -25.07 -8.10
C THR A 129 41.17 -24.15 -6.86
N ILE A 130 40.08 -24.03 -6.08
CA ILE A 130 40.05 -23.20 -4.90
C ILE A 130 39.53 -24.11 -3.81
N THR A 131 39.79 -23.76 -2.55
CA THR A 131 39.35 -24.59 -1.47
C THR A 131 38.86 -23.67 -0.35
N ALA A 132 38.09 -24.17 0.61
CA ALA A 132 37.55 -23.39 1.69
C ALA A 132 37.08 -24.34 2.73
N ASP A 133 36.92 -23.87 3.96
CA ASP A 133 36.45 -24.75 5.03
C ASP A 133 34.92 -24.78 5.08
N HIS A 134 34.25 -23.81 4.45
CA HIS A 134 32.79 -23.67 4.48
C HIS A 134 32.38 -23.35 3.07
N ILE A 135 31.46 -24.16 2.54
CA ILE A 135 30.99 -23.95 1.18
C ILE A 135 29.45 -23.90 1.21
N LEU A 136 28.86 -22.88 0.57
CA LEU A 136 27.41 -22.73 0.51
C LEU A 136 27.02 -22.99 -0.92
N ILE A 137 26.07 -23.91 -1.21
CA ILE A 137 25.61 -24.15 -2.57
C ILE A 137 24.26 -23.39 -2.63
N ALA A 138 24.16 -22.34 -3.43
CA ALA A 138 22.95 -21.53 -3.53
C ALA A 138 22.76 -21.33 -5.04
N THR A 139 22.55 -22.46 -5.74
CA THR A 139 22.48 -22.51 -7.21
C THR A 139 21.12 -22.26 -7.86
N GLY A 140 20.11 -22.14 -6.98
CA GLY A 140 18.75 -21.79 -7.44
C GLY A 140 18.14 -22.88 -8.28
N GLY A 141 17.39 -22.46 -9.29
CA GLY A 141 16.65 -23.41 -10.09
C GLY A 141 16.49 -22.89 -11.47
N ARG A 142 15.60 -23.50 -12.23
CA ARG A 142 15.40 -23.10 -13.60
C ARG A 142 13.98 -23.51 -14.03
N PRO A 143 13.38 -22.96 -15.09
CA PRO A 143 12.06 -23.39 -15.55
C PRO A 143 12.00 -24.87 -15.98
N SER A 144 10.94 -25.60 -15.63
CA SER A 144 10.65 -26.91 -16.17
C SER A 144 9.92 -26.77 -17.49
N HIS A 145 9.95 -27.80 -18.33
CA HIS A 145 9.28 -27.84 -19.63
C HIS A 145 8.58 -29.19 -19.66
N PRO A 146 7.36 -29.31 -20.16
CA PRO A 146 6.69 -30.60 -20.27
C PRO A 146 7.34 -31.48 -21.37
N ASP A 147 7.21 -32.80 -21.23
CA ASP A 147 7.65 -33.75 -22.24
C ASP A 147 6.46 -34.18 -23.11
N ILE A 148 6.16 -33.39 -24.13
CA ILE A 148 5.05 -33.60 -25.02
C ILE A 148 5.60 -33.28 -26.38
N PRO A 149 5.06 -33.77 -27.50
CA PRO A 149 5.38 -33.30 -28.83
C PRO A 149 5.23 -31.79 -29.06
N GLY A 150 6.28 -31.15 -29.58
CA GLY A 150 6.28 -29.75 -29.95
C GLY A 150 6.66 -28.83 -28.78
N VAL A 151 7.09 -29.34 -27.60
CA VAL A 151 7.38 -28.53 -26.41
C VAL A 151 8.35 -27.41 -26.71
N GLU A 152 9.23 -27.68 -27.64
CA GLU A 152 10.26 -26.73 -28.01
C GLU A 152 9.74 -25.53 -28.78
N TYR A 153 8.50 -25.51 -29.30
CA TYR A 153 7.97 -24.25 -29.85
C TYR A 153 7.49 -23.27 -28.78
N GLY A 154 7.41 -23.69 -27.53
CA GLY A 154 7.01 -22.77 -26.49
C GLY A 154 8.24 -22.17 -25.85
N ILE A 155 8.10 -21.01 -25.20
CA ILE A 155 9.21 -20.38 -24.46
C ILE A 155 8.89 -20.53 -22.99
N ASP A 156 9.75 -20.10 -22.09
CA ASP A 156 9.44 -20.20 -20.68
C ASP A 156 9.58 -18.83 -20.04
N SER A 157 9.55 -18.61 -18.71
CA SER A 157 9.60 -17.24 -18.22
C SER A 157 10.88 -16.53 -18.62
N ASP A 158 12.02 -17.23 -18.68
CA ASP A 158 13.25 -16.57 -19.19
C ASP A 158 13.08 -16.02 -20.59
N GLY A 159 12.39 -16.76 -21.45
CA GLY A 159 12.18 -16.33 -22.80
C GLY A 159 11.21 -15.19 -22.85
N PHE A 160 10.30 -15.11 -21.91
CA PHE A 160 9.38 -13.98 -21.88
C PHE A 160 10.17 -12.67 -21.72
N PHE A 161 11.14 -12.63 -20.83
CA PHE A 161 11.93 -11.40 -20.62
C PHE A 161 12.80 -11.12 -21.80
N ALA A 162 13.00 -12.07 -22.70
CA ALA A 162 13.78 -11.80 -23.89
C ALA A 162 12.95 -11.56 -25.14
N LEU A 163 11.62 -11.47 -25.05
CA LEU A 163 10.80 -11.21 -26.23
C LEU A 163 11.12 -9.94 -26.98
N PRO A 164 11.22 -9.98 -28.30
CA PRO A 164 11.47 -8.81 -29.14
C PRO A 164 10.29 -7.89 -29.34
N ALA A 165 9.08 -8.41 -29.20
CA ALA A 165 7.87 -7.62 -29.34
C ALA A 165 6.83 -8.35 -28.53
N LEU A 166 5.76 -7.64 -28.22
CA LEU A 166 4.60 -8.23 -27.59
C LEU A 166 3.81 -8.99 -28.66
N PRO A 167 3.62 -10.32 -28.58
CA PRO A 167 2.83 -11.10 -29.54
C PRO A 167 1.35 -10.72 -29.52
N GLU A 168 0.60 -10.87 -30.60
CA GLU A 168 -0.83 -10.55 -30.56
C GLU A 168 -1.70 -11.47 -29.73
N ARG A 169 -1.39 -12.79 -29.74
CA ARG A 169 -2.20 -13.83 -29.08
C ARG A 169 -1.21 -14.66 -28.28
N VAL A 170 -1.41 -14.85 -27.00
CA VAL A 170 -0.44 -15.50 -26.13
C VAL A 170 -1.17 -16.51 -25.31
N ALA A 171 -0.61 -17.72 -25.14
CA ALA A 171 -1.16 -18.73 -24.24
C ALA A 171 -0.20 -18.94 -23.08
N VAL A 172 -0.59 -18.87 -21.80
CA VAL A 172 0.26 -19.14 -20.67
C VAL A 172 -0.27 -20.42 -20.07
N VAL A 173 0.59 -21.39 -19.81
CA VAL A 173 0.21 -22.68 -19.28
C VAL A 173 0.81 -22.84 -17.93
N GLY A 174 -0.03 -22.96 -16.95
CA GLY A 174 0.38 -23.22 -15.61
C GLY A 174 -0.68 -22.58 -14.71
N ALA A 175 -0.59 -22.90 -13.43
CA ALA A 175 -1.58 -22.49 -12.45
C ALA A 175 -0.95 -21.90 -11.20
N GLY A 176 0.37 -21.64 -11.10
CA GLY A 176 0.96 -21.12 -9.88
C GLY A 176 1.10 -19.62 -10.02
N TYR A 177 1.73 -18.95 -9.06
CA TYR A 177 1.72 -17.47 -9.13
C TYR A 177 2.48 -16.95 -10.35
N ILE A 178 3.53 -17.59 -10.89
CA ILE A 178 4.26 -17.02 -12.02
C ILE A 178 3.35 -16.98 -13.21
N ALA A 179 2.64 -18.08 -13.49
CA ALA A 179 1.70 -18.14 -14.62
C ALA A 179 0.62 -17.08 -14.52
N VAL A 180 0.06 -16.90 -13.33
CA VAL A 180 -0.98 -15.91 -13.12
C VAL A 180 -0.42 -14.49 -13.31
N GLU A 181 0.78 -14.22 -12.78
CA GLU A 181 1.37 -12.87 -12.92
C GLU A 181 1.68 -12.61 -14.37
N LEU A 182 2.26 -13.56 -15.09
CA LEU A 182 2.59 -13.27 -16.49
C LEU A 182 1.33 -13.12 -17.35
N ALA A 183 0.30 -13.94 -17.11
CA ALA A 183 -0.93 -13.84 -17.91
C ALA A 183 -1.58 -12.49 -17.58
N GLY A 184 -1.61 -12.09 -16.30
CA GLY A 184 -2.16 -10.81 -15.91
C GLY A 184 -1.42 -9.63 -16.56
N VAL A 185 -0.09 -9.63 -16.59
CA VAL A 185 0.66 -8.56 -17.24
C VAL A 185 0.45 -8.54 -18.73
N ILE A 186 0.46 -9.73 -19.37
CA ILE A 186 0.35 -9.72 -20.83
C ILE A 186 -1.04 -9.32 -21.28
N ASN A 187 -2.04 -9.70 -20.49
CA ASN A 187 -3.43 -9.28 -20.77
C ASN A 187 -3.55 -7.77 -20.60
N GLY A 188 -2.94 -7.25 -19.54
CA GLY A 188 -2.94 -5.82 -19.27
C GLY A 188 -2.30 -4.95 -20.32
N LEU A 189 -1.29 -5.50 -21.02
CA LEU A 189 -0.67 -4.76 -22.12
C LEU A 189 -1.40 -4.91 -23.43
N GLY A 190 -2.55 -5.60 -23.51
CA GLY A 190 -3.32 -5.59 -24.72
C GLY A 190 -3.26 -6.87 -25.56
N ALA A 191 -2.45 -7.90 -25.26
CA ALA A 191 -2.47 -9.08 -26.10
C ALA A 191 -3.70 -9.92 -25.78
N LYS A 192 -4.20 -10.69 -26.76
CA LYS A 192 -5.29 -11.65 -26.54
C LYS A 192 -4.63 -12.76 -25.73
N THR A 193 -4.97 -12.92 -24.45
CA THR A 193 -4.21 -13.81 -23.56
C THR A 193 -5.05 -14.98 -23.06
N HIS A 194 -4.56 -16.21 -23.08
CA HIS A 194 -5.32 -17.36 -22.57
C HIS A 194 -4.49 -17.97 -21.45
N LEU A 195 -5.08 -18.33 -20.33
CA LEU A 195 -4.39 -19.00 -19.26
C LEU A 195 -4.93 -20.43 -19.19
N PHE A 196 -4.11 -21.49 -19.23
CA PHE A 196 -4.62 -22.87 -19.22
C PHE A 196 -4.23 -23.50 -17.92
N VAL A 197 -5.17 -23.87 -17.04
CA VAL A 197 -4.81 -24.50 -15.79
C VAL A 197 -5.33 -25.92 -15.82
N ARG A 198 -4.69 -26.85 -15.10
CA ARG A 198 -5.03 -28.24 -15.22
C ARG A 198 -6.32 -28.63 -14.54
N LYS A 199 -6.64 -27.94 -13.45
CA LYS A 199 -7.82 -28.21 -12.64
C LYS A 199 -8.89 -27.12 -12.78
N HIS A 200 -9.60 -26.75 -11.70
CA HIS A 200 -10.69 -25.79 -11.86
C HIS A 200 -10.30 -24.35 -11.65
N ALA A 201 -9.17 -24.03 -11.01
CA ALA A 201 -8.89 -22.63 -10.74
C ALA A 201 -7.40 -22.52 -10.59
N PRO A 202 -6.79 -21.38 -10.88
CA PRO A 202 -5.41 -21.14 -10.50
C PRO A 202 -5.28 -20.99 -9.00
N LEU A 203 -4.03 -21.06 -8.50
CA LEU A 203 -3.70 -20.84 -7.11
C LEU A 203 -4.56 -21.63 -6.15
N ARG A 204 -4.61 -22.92 -6.46
CA ARG A 204 -5.41 -23.86 -5.70
C ARG A 204 -5.03 -24.02 -4.23
N SER A 205 -3.78 -23.80 -3.87
CA SER A 205 -3.33 -23.88 -2.50
C SER A 205 -3.62 -22.63 -1.68
N PHE A 206 -4.08 -21.55 -2.35
CA PHE A 206 -4.35 -20.28 -1.68
C PHE A 206 -5.73 -20.38 -1.06
N ASP A 207 -6.02 -19.50 -0.09
CA ASP A 207 -7.37 -19.46 0.47
C ASP A 207 -8.46 -19.38 -0.64
N PRO A 208 -9.56 -20.13 -0.51
CA PRO A 208 -10.63 -20.21 -1.52
C PRO A 208 -11.14 -18.85 -1.98
N MET A 209 -11.25 -17.92 -1.03
CA MET A 209 -11.65 -16.58 -1.38
C MET A 209 -10.78 -15.95 -2.43
N ILE A 210 -9.47 -16.23 -2.31
CA ILE A 210 -8.57 -15.67 -3.27
C ILE A 210 -8.73 -16.28 -4.64
N SER A 211 -8.75 -17.61 -4.87
CA SER A 211 -8.83 -18.15 -6.21
C SER A 211 -10.20 -17.89 -6.78
N GLU A 212 -11.27 -17.93 -5.94
CA GLU A 212 -12.61 -17.57 -6.42
C GLU A 212 -12.71 -16.17 -6.98
N THR A 213 -12.16 -15.21 -6.24
CA THR A 213 -12.22 -13.83 -6.70
C THR A 213 -11.40 -13.63 -7.97
N LEU A 214 -10.23 -14.25 -8.03
CA LEU A 214 -9.39 -14.10 -9.21
C LEU A 214 -10.11 -14.64 -10.43
N VAL A 215 -10.83 -15.77 -10.35
CA VAL A 215 -11.56 -16.25 -11.52
C VAL A 215 -12.64 -15.24 -11.99
N GLU A 216 -13.25 -14.64 -10.99
CA GLU A 216 -14.26 -13.62 -11.19
C GLU A 216 -13.74 -12.46 -12.00
N VAL A 217 -12.57 -12.00 -11.57
CA VAL A 217 -11.93 -10.88 -12.26
C VAL A 217 -11.51 -11.26 -13.65
N MET A 218 -10.97 -12.46 -13.76
CA MET A 218 -10.56 -12.94 -15.09
C MET A 218 -11.71 -13.06 -16.07
N ASN A 219 -12.87 -13.48 -15.56
CA ASN A 219 -14.03 -13.62 -16.45
C ASN A 219 -14.50 -12.26 -16.92
N ALA A 220 -14.31 -11.23 -16.09
CA ALA A 220 -14.72 -9.90 -16.45
C ALA A 220 -13.67 -9.21 -17.30
N GLU A 221 -12.37 -9.41 -17.07
CA GLU A 221 -11.44 -8.59 -17.83
C GLU A 221 -10.29 -9.27 -18.50
N GLY A 222 -10.32 -10.58 -18.48
CA GLY A 222 -9.22 -11.28 -19.10
C GLY A 222 -8.13 -11.54 -18.06
N PRO A 223 -7.17 -12.47 -18.24
CA PRO A 223 -7.06 -13.34 -19.40
C PRO A 223 -8.21 -14.38 -19.44
N GLN A 224 -8.40 -14.96 -20.63
CA GLN A 224 -9.38 -15.98 -20.82
C GLN A 224 -8.83 -17.21 -20.17
N LEU A 225 -9.51 -17.60 -19.10
CA LEU A 225 -9.22 -18.80 -18.34
C LEU A 225 -9.73 -20.12 -18.98
N HIS A 226 -8.93 -21.17 -19.11
CA HIS A 226 -9.43 -22.44 -19.63
C HIS A 226 -9.09 -23.46 -18.59
N THR A 227 -10.06 -24.08 -17.92
CA THR A 227 -9.82 -25.03 -16.82
C THR A 227 -9.82 -26.44 -17.39
N ASN A 228 -9.40 -27.41 -16.60
CA ASN A 228 -9.26 -28.83 -16.95
C ASN A 228 -8.46 -29.00 -18.22
N ALA A 229 -7.34 -28.25 -18.39
CA ALA A 229 -6.62 -28.23 -19.65
C ALA A 229 -5.32 -29.00 -19.47
N ILE A 230 -5.16 -30.17 -20.08
CA ILE A 230 -3.93 -30.95 -19.98
C ILE A 230 -3.29 -30.82 -21.37
N PRO A 231 -2.12 -30.22 -21.57
CA PRO A 231 -1.51 -30.08 -22.91
C PRO A 231 -1.14 -31.47 -23.44
N LYS A 232 -1.34 -31.69 -24.73
CA LYS A 232 -1.05 -32.97 -25.32
C LYS A 232 0.03 -32.78 -26.36
N ALA A 233 -0.02 -31.69 -27.11
CA ALA A 233 0.99 -31.47 -28.13
C ALA A 233 0.90 -30.06 -28.61
N VAL A 234 1.93 -29.53 -29.27
CA VAL A 234 1.89 -28.20 -29.84
C VAL A 234 2.26 -28.44 -31.29
N VAL A 235 1.53 -27.84 -32.23
CA VAL A 235 1.82 -27.98 -33.63
C VAL A 235 2.23 -26.62 -34.17
N LYS A 236 3.33 -26.57 -34.90
CA LYS A 236 3.71 -25.35 -35.56
C LYS A 236 2.96 -25.31 -36.88
N ASN A 237 2.31 -24.20 -37.19
CA ASN A 237 1.53 -24.08 -38.40
C ASN A 237 2.38 -23.49 -39.51
N THR A 238 1.91 -23.66 -40.72
CA THR A 238 2.58 -23.19 -41.93
C THR A 238 2.83 -21.70 -41.85
N ASP A 239 1.80 -20.96 -41.43
CA ASP A 239 1.94 -19.52 -41.22
C ASP A 239 2.77 -19.14 -39.98
N GLY A 240 3.44 -20.09 -39.34
CA GLY A 240 4.24 -19.84 -38.17
C GLY A 240 3.42 -19.81 -36.89
N SER A 241 2.07 -19.66 -36.83
CA SER A 241 1.41 -19.69 -35.53
C SER A 241 1.54 -21.08 -34.91
N LEU A 242 1.05 -21.25 -33.69
CA LEU A 242 1.16 -22.48 -32.96
C LEU A 242 -0.23 -22.91 -32.56
N THR A 243 -0.49 -24.20 -32.46
CA THR A 243 -1.76 -24.64 -31.95
C THR A 243 -1.43 -25.55 -30.80
N LEU A 244 -1.97 -25.16 -29.68
CA LEU A 244 -1.85 -25.96 -28.47
C LEU A 244 -3.04 -26.94 -28.49
N GLU A 245 -2.77 -28.25 -28.40
CA GLU A 245 -3.80 -29.29 -28.30
C GLU A 245 -3.92 -29.80 -26.91
N LEU A 246 -5.16 -29.86 -26.42
CA LEU A 246 -5.41 -30.35 -25.08
C LEU A 246 -5.87 -31.77 -25.20
N GLU A 247 -5.62 -32.56 -24.18
CA GLU A 247 -6.02 -33.96 -24.22
C GLU A 247 -7.49 -34.11 -24.46
N ASP A 248 -8.34 -33.23 -23.92
CA ASP A 248 -9.76 -33.36 -24.16
C ASP A 248 -10.21 -32.93 -25.53
N GLY A 249 -9.35 -32.60 -26.48
CA GLY A 249 -9.82 -32.19 -27.80
C GLY A 249 -9.85 -30.68 -28.06
N ARG A 250 -9.92 -29.85 -27.01
CA ARG A 250 -9.82 -28.42 -27.24
C ARG A 250 -8.42 -28.04 -27.79
N SER A 251 -8.39 -27.00 -28.59
CA SER A 251 -7.17 -26.50 -29.17
C SER A 251 -7.29 -24.97 -29.22
N GLU A 252 -6.18 -24.24 -29.23
CA GLU A 252 -6.18 -22.78 -29.34
C GLU A 252 -4.97 -22.42 -30.21
N THR A 253 -5.07 -21.49 -31.12
CA THR A 253 -3.99 -21.12 -31.98
C THR A 253 -3.51 -19.78 -31.48
N VAL A 254 -2.23 -19.70 -31.14
CA VAL A 254 -1.64 -18.50 -30.58
C VAL A 254 -0.36 -18.19 -31.34
N ASP A 255 0.16 -17.02 -31.06
CA ASP A 255 1.40 -16.59 -31.67
C ASP A 255 2.53 -16.92 -30.75
N CYS A 256 2.32 -17.12 -29.45
CA CYS A 256 3.42 -17.36 -28.55
C CYS A 256 2.87 -18.21 -27.43
N LEU A 257 3.59 -19.23 -26.94
CA LEU A 257 3.12 -20.09 -25.88
C LEU A 257 4.13 -20.06 -24.76
N ILE A 258 3.78 -19.82 -23.50
CA ILE A 258 4.74 -19.75 -22.45
C ILE A 258 4.44 -20.86 -21.51
N TRP A 259 5.45 -21.66 -21.19
CA TRP A 259 5.31 -22.76 -20.25
C TRP A 259 5.61 -22.16 -18.90
N ALA A 260 4.76 -22.27 -17.88
CA ALA A 260 4.98 -21.70 -16.57
C ALA A 260 4.39 -22.68 -15.61
N ILE A 261 4.76 -23.93 -15.85
CA ILE A 261 4.24 -25.04 -15.08
C ILE A 261 4.95 -25.29 -13.77
N GLY A 262 6.23 -24.97 -13.62
CA GLY A 262 6.98 -25.23 -12.41
C GLY A 262 8.47 -25.00 -12.70
N ARG A 263 9.27 -25.11 -11.66
CA ARG A 263 10.70 -24.94 -11.81
C ARG A 263 11.39 -26.17 -11.20
N GLU A 264 12.65 -26.45 -11.56
CA GLU A 264 13.33 -27.55 -10.96
C GLU A 264 14.70 -27.03 -10.48
N PRO A 265 15.35 -27.73 -9.56
CA PRO A 265 16.59 -27.25 -8.89
C PRO A 265 17.82 -27.32 -9.79
N ALA A 266 18.82 -26.45 -9.72
CA ALA A 266 19.91 -26.55 -10.65
C ALA A 266 21.05 -27.16 -9.83
N ASN A 267 20.95 -28.45 -9.47
CA ASN A 267 21.91 -29.13 -8.63
C ASN A 267 22.61 -30.27 -9.39
N ASP A 268 22.53 -30.25 -10.72
CA ASP A 268 22.87 -31.40 -11.52
C ASP A 268 24.24 -31.40 -12.17
N ASN A 269 24.77 -30.36 -12.80
CA ASN A 269 26.10 -30.57 -13.35
C ASN A 269 27.21 -30.02 -12.47
N ILE A 270 27.16 -30.26 -11.16
CA ILE A 270 28.18 -29.63 -10.31
C ILE A 270 28.95 -30.67 -9.53
N ASN A 271 28.70 -31.96 -9.81
CA ASN A 271 29.42 -33.08 -9.25
C ASN A 271 29.36 -33.20 -7.75
N LEU A 272 28.10 -33.14 -7.38
CA LEU A 272 27.75 -33.34 -5.99
C LEU A 272 28.19 -34.67 -5.42
N GLU A 273 28.27 -35.65 -6.34
CA GLU A 273 28.66 -37.04 -6.10
C GLU A 273 30.03 -37.07 -5.42
N ALA A 274 30.97 -36.33 -6.01
CA ALA A 274 32.30 -36.18 -5.46
C ALA A 274 32.24 -35.77 -3.99
N ALA A 275 31.41 -34.77 -3.69
CA ALA A 275 31.36 -34.28 -2.33
C ALA A 275 30.53 -35.15 -1.42
N GLY A 276 29.70 -36.02 -2.01
CA GLY A 276 28.85 -36.87 -1.21
C GLY A 276 27.60 -36.17 -0.71
N VAL A 277 27.18 -35.04 -1.31
CA VAL A 277 25.97 -34.35 -0.83
C VAL A 277 24.74 -35.10 -1.31
N LYS A 278 23.82 -35.42 -0.42
CA LYS A 278 22.65 -36.15 -0.85
C LYS A 278 21.50 -35.24 -1.29
N THR A 279 20.99 -35.50 -2.50
CA THR A 279 19.79 -34.83 -2.98
C THR A 279 18.57 -35.70 -2.73
N ASN A 280 17.34 -35.20 -2.79
CA ASN A 280 16.15 -36.02 -2.57
C ASN A 280 15.62 -36.47 -3.93
N GLU A 281 14.45 -37.13 -4.03
CA GLU A 281 13.90 -37.63 -5.31
C GLU A 281 13.76 -36.62 -6.43
N LYS A 282 13.30 -35.47 -5.97
CA LYS A 282 13.00 -34.36 -6.87
C LYS A 282 14.28 -33.63 -7.19
N GLY A 283 15.42 -33.95 -6.59
CA GLY A 283 16.68 -33.32 -6.97
C GLY A 283 17.09 -32.15 -6.07
N TYR A 284 16.36 -31.91 -4.99
CA TYR A 284 16.64 -30.82 -4.10
C TYR A 284 17.72 -31.26 -3.16
N ILE A 285 18.57 -30.34 -2.74
CA ILE A 285 19.54 -30.67 -1.73
C ILE A 285 18.78 -30.73 -0.41
N VAL A 286 18.96 -31.84 0.31
CA VAL A 286 18.32 -32.07 1.60
C VAL A 286 19.10 -31.31 2.65
N VAL A 287 18.46 -30.50 3.47
CA VAL A 287 19.13 -29.69 4.45
C VAL A 287 18.32 -29.83 5.70
N ASP A 288 18.97 -29.60 6.84
CA ASP A 288 18.23 -29.59 8.09
C ASP A 288 17.77 -28.16 8.35
N LYS A 289 17.25 -27.95 9.57
CA LYS A 289 16.79 -26.67 10.10
C LYS A 289 17.78 -25.51 10.00
N TYR A 290 19.05 -25.93 10.03
CA TYR A 290 20.15 -25.02 10.06
C TYR A 290 20.79 -24.89 8.72
N GLN A 291 20.20 -25.42 7.66
CA GLN A 291 20.73 -25.36 6.29
C GLN A 291 21.97 -26.20 6.04
N ASN A 292 22.26 -27.10 6.99
CA ASN A 292 23.34 -28.08 6.85
C ASN A 292 23.00 -29.16 5.88
N THR A 293 23.92 -29.43 4.93
CA THR A 293 23.71 -30.63 4.12
C THR A 293 24.12 -31.86 4.95
N ASN A 294 24.09 -33.07 4.38
CA ASN A 294 24.65 -34.23 5.06
C ASN A 294 26.19 -34.15 5.26
N ILE A 295 26.96 -33.34 4.54
CA ILE A 295 28.41 -33.22 4.65
C ILE A 295 28.73 -31.97 5.46
N GLU A 296 29.41 -32.25 6.54
CA GLU A 296 30.00 -31.27 7.47
C GLU A 296 30.70 -30.18 6.67
N GLY A 297 30.40 -28.89 6.78
CA GLY A 297 31.11 -27.85 6.06
C GLY A 297 30.47 -27.45 4.74
N ILE A 298 29.37 -28.10 4.32
CA ILE A 298 28.67 -27.74 3.08
C ILE A 298 27.22 -27.48 3.48
N TYR A 299 26.67 -26.39 2.96
CA TYR A 299 25.34 -25.90 3.32
C TYR A 299 24.63 -25.55 2.02
N ALA A 300 23.29 -25.44 2.10
CA ALA A 300 22.51 -25.00 0.95
C ALA A 300 21.39 -24.06 1.39
N VAL A 301 21.08 -23.01 0.62
CA VAL A 301 19.94 -22.17 0.94
C VAL A 301 19.26 -21.82 -0.38
N GLY A 302 17.96 -21.49 -0.30
CA GLY A 302 17.27 -20.97 -1.48
C GLY A 302 16.43 -22.01 -2.24
N ASP A 303 16.23 -21.66 -3.53
CA ASP A 303 15.38 -22.50 -4.37
C ASP A 303 15.93 -23.90 -4.59
N ASN A 304 17.23 -24.12 -4.45
CA ASN A 304 17.75 -25.44 -4.71
C ASN A 304 17.52 -26.37 -3.51
N THR A 305 16.96 -25.90 -2.41
CA THR A 305 16.71 -26.79 -1.31
C THR A 305 15.26 -27.26 -1.29
N GLY A 306 14.46 -26.76 -2.21
CA GLY A 306 13.06 -27.12 -2.19
C GLY A 306 12.25 -26.30 -1.19
N ALA A 307 12.82 -25.36 -0.40
CA ALA A 307 12.02 -24.53 0.49
C ALA A 307 11.16 -23.54 -0.38
N VAL A 308 10.28 -22.74 0.22
CA VAL A 308 9.45 -21.84 -0.59
C VAL A 308 10.30 -20.87 -1.39
N GLU A 309 9.92 -20.81 -2.66
CA GLU A 309 10.64 -20.10 -3.65
C GLU A 309 10.43 -18.61 -3.69
N LEU A 310 10.99 -17.92 -2.71
CA LEU A 310 10.86 -16.48 -2.64
C LEU A 310 12.26 -15.89 -2.34
N THR A 311 12.65 -14.71 -2.86
CA THR A 311 13.95 -14.07 -2.53
C THR A 311 14.13 -13.75 -1.03
N PRO A 312 13.18 -13.18 -0.26
CA PRO A 312 13.35 -12.81 1.15
C PRO A 312 13.67 -13.99 2.01
N VAL A 313 13.22 -15.16 1.55
CA VAL A 313 13.45 -16.39 2.31
C VAL A 313 14.92 -16.85 2.08
N ALA A 314 15.40 -16.82 0.83
CA ALA A 314 16.81 -17.18 0.51
C ALA A 314 17.69 -16.13 1.22
N VAL A 315 17.42 -14.85 1.17
CA VAL A 315 18.15 -13.81 1.90
C VAL A 315 18.17 -14.02 3.40
N ALA A 316 17.01 -14.20 4.07
CA ALA A 316 16.99 -14.37 5.49
C ALA A 316 17.68 -15.66 5.94
N ALA A 317 17.52 -16.76 5.19
CA ALA A 317 18.20 -18.01 5.56
C ALA A 317 19.72 -17.92 5.44
N GLY A 318 20.15 -17.30 4.32
CA GLY A 318 21.56 -17.02 4.02
C GLY A 318 22.18 -16.13 5.10
N ARG A 319 21.58 -15.00 5.53
CA ARG A 319 22.10 -14.14 6.65
C ARG A 319 22.12 -14.85 7.98
N ARG A 320 21.09 -15.64 8.33
CA ARG A 320 21.12 -16.33 9.60
C ARG A 320 22.17 -17.41 9.64
N LEU A 321 22.48 -17.97 8.45
CA LEU A 321 23.49 -18.99 8.35
C LEU A 321 24.87 -18.36 8.68
N SER A 322 25.23 -17.24 8.04
CA SER A 322 26.49 -16.60 8.36
C SER A 322 26.58 -16.16 9.83
N GLU A 323 25.47 -15.75 10.45
CA GLU A 323 25.35 -15.46 11.90
C GLU A 323 25.67 -16.68 12.75
N ARG A 324 25.16 -17.88 12.40
CA ARG A 324 25.41 -19.13 13.13
C ARG A 324 26.90 -19.52 12.99
N LEU A 325 27.40 -19.66 11.76
CA LEU A 325 28.77 -20.07 11.49
C LEU A 325 29.85 -19.09 11.95
N PHE A 326 29.64 -17.81 11.75
CA PHE A 326 30.71 -16.86 11.97
C PHE A 326 30.45 -15.88 13.07
N ASN A 327 29.34 -15.91 13.78
CA ASN A 327 29.15 -14.92 14.84
C ASN A 327 28.59 -15.60 16.08
N ASN A 328 28.97 -16.87 16.17
CA ASN A 328 28.69 -17.75 17.28
C ASN A 328 27.27 -17.70 17.82
N LYS A 329 26.31 -17.93 16.93
CA LYS A 329 24.92 -17.92 17.30
C LYS A 329 24.47 -19.29 16.93
N PRO A 330 24.76 -20.31 17.72
CA PRO A 330 24.73 -21.70 17.27
C PRO A 330 23.35 -22.26 16.91
N ASP A 331 22.32 -21.59 17.39
CA ASP A 331 20.94 -21.96 17.11
C ASP A 331 20.23 -20.95 16.20
N GLU A 332 20.95 -20.07 15.53
CA GLU A 332 20.33 -19.11 14.64
C GLU A 332 19.83 -19.85 13.41
N HIS A 333 18.61 -19.57 13.00
CA HIS A 333 18.06 -20.22 11.81
C HIS A 333 16.73 -19.51 11.47
N LEU A 334 16.26 -19.73 10.24
CA LEU A 334 15.05 -19.09 9.76
C LEU A 334 13.88 -19.92 10.24
N ASP A 335 12.85 -19.30 10.83
CA ASP A 335 11.57 -19.98 11.07
C ASP A 335 10.78 -19.89 9.73
N TYR A 336 10.47 -21.01 9.07
CA TYR A 336 9.84 -20.91 7.77
C TYR A 336 8.31 -20.83 7.88
N SER A 337 7.72 -20.52 9.04
CA SER A 337 6.27 -20.42 9.12
C SER A 337 5.93 -18.93 9.05
N ASN A 338 4.69 -18.61 8.67
CA ASN A 338 4.18 -17.24 8.68
C ASN A 338 4.97 -16.36 7.77
N ILE A 339 5.34 -16.92 6.61
CA ILE A 339 6.06 -16.15 5.61
C ILE A 339 5.01 -15.46 4.73
N PRO A 340 5.06 -14.13 4.61
CA PRO A 340 4.10 -13.37 3.81
C PRO A 340 4.38 -13.48 2.33
N THR A 341 3.37 -13.53 1.46
CA THR A 341 3.57 -13.64 0.05
C THR A 341 2.65 -12.59 -0.56
N VAL A 342 3.12 -11.89 -1.58
CA VAL A 342 2.30 -11.01 -2.39
C VAL A 342 2.44 -11.52 -3.83
N VAL A 343 1.30 -11.66 -4.54
CA VAL A 343 1.28 -12.06 -5.93
C VAL A 343 0.88 -10.84 -6.69
N PHE A 344 1.62 -10.44 -7.70
CA PHE A 344 1.34 -9.27 -8.50
C PHE A 344 0.45 -9.65 -9.65
N SER A 345 -0.71 -10.20 -9.25
CA SER A 345 -1.80 -10.49 -10.19
C SER A 345 -2.57 -9.22 -10.42
N HIS A 346 -3.61 -9.30 -11.25
CA HIS A 346 -4.57 -8.20 -11.38
C HIS A 346 -5.84 -8.75 -10.74
N PRO A 347 -6.32 -8.29 -9.58
CA PRO A 347 -5.63 -7.33 -8.71
C PRO A 347 -4.62 -8.10 -7.85
N PRO A 348 -3.69 -7.46 -7.14
CA PRO A 348 -2.68 -8.12 -6.29
C PRO A 348 -3.34 -8.88 -5.17
N ILE A 349 -2.55 -9.86 -4.72
CA ILE A 349 -2.93 -10.78 -3.63
C ILE A 349 -1.88 -10.66 -2.55
N GLY A 350 -2.26 -10.68 -1.28
CA GLY A 350 -1.33 -10.72 -0.18
C GLY A 350 -1.86 -11.77 0.77
N THR A 351 -1.02 -12.62 1.33
CA THR A 351 -1.44 -13.69 2.21
C THR A 351 -0.32 -14.01 3.14
N VAL A 352 -0.66 -14.21 4.40
CA VAL A 352 0.28 -14.72 5.39
C VAL A 352 -0.47 -15.60 6.39
N GLY A 353 0.11 -16.70 6.88
CA GLY A 353 -0.57 -17.55 7.83
C GLY A 353 -1.43 -18.62 7.17
N LEU A 354 -2.37 -19.21 7.92
CA LEU A 354 -3.19 -20.32 7.49
C LEU A 354 -4.39 -19.87 6.70
N THR A 355 -4.70 -20.63 5.65
CA THR A 355 -5.92 -20.43 4.88
C THR A 355 -7.08 -20.85 5.82
N GLU A 356 -8.33 -20.50 5.57
CA GLU A 356 -9.42 -20.94 6.44
C GLU A 356 -9.52 -22.47 6.48
N PRO A 357 -9.52 -23.26 5.39
CA PRO A 357 -9.40 -24.71 5.44
C PRO A 357 -8.28 -25.21 6.36
N GLN A 358 -7.05 -24.67 6.27
CA GLN A 358 -5.97 -25.13 7.14
C GLN A 358 -6.25 -24.90 8.60
N ALA A 359 -6.72 -23.70 8.92
CA ALA A 359 -7.04 -23.38 10.30
C ALA A 359 -8.14 -24.30 10.80
N ARG A 360 -9.21 -24.58 10.05
CA ARG A 360 -10.26 -25.48 10.49
C ARG A 360 -9.72 -26.90 10.67
N GLU A 361 -8.94 -27.45 9.73
CA GLU A 361 -8.36 -28.78 9.90
C GLU A 361 -7.51 -28.83 11.16
N GLN A 362 -6.64 -27.84 11.35
CA GLN A 362 -5.76 -27.81 12.51
C GLN A 362 -6.38 -27.47 13.86
N TYR A 363 -7.44 -26.67 13.96
CA TYR A 363 -7.95 -26.29 15.26
C TYR A 363 -9.40 -26.72 15.46
N GLY A 364 -10.01 -27.14 14.37
CA GLY A 364 -11.40 -27.54 14.41
C GLY A 364 -12.30 -26.35 14.21
N ASP A 365 -13.40 -26.63 13.53
CA ASP A 365 -14.39 -25.62 13.21
C ASP A 365 -14.89 -24.86 14.40
N ASP A 366 -14.87 -25.53 15.56
CA ASP A 366 -15.33 -24.94 16.81
C ASP A 366 -14.51 -23.76 17.29
N GLN A 367 -13.24 -23.81 16.94
CA GLN A 367 -12.26 -22.83 17.37
C GLN A 367 -12.07 -21.62 16.48
N VAL A 368 -12.39 -21.77 15.19
CA VAL A 368 -12.11 -20.83 14.14
C VAL A 368 -13.22 -19.80 13.95
N LYS A 369 -12.88 -18.52 13.93
CA LYS A 369 -13.86 -17.48 13.62
C LYS A 369 -13.29 -16.77 12.42
N VAL A 370 -14.05 -16.58 11.36
CA VAL A 370 -13.53 -15.91 10.20
C VAL A 370 -14.27 -14.59 10.06
N TYR A 371 -13.59 -13.46 9.83
CA TYR A 371 -14.17 -12.14 9.49
C TYR A 371 -13.87 -11.86 8.03
N LYS A 372 -14.80 -11.33 7.23
CA LYS A 372 -14.63 -11.15 5.80
C LYS A 372 -15.19 -9.80 5.45
N SER A 373 -14.65 -9.20 4.43
CA SER A 373 -15.13 -7.88 3.98
C SER A 373 -15.03 -7.98 2.47
N SER A 374 -16.00 -7.46 1.77
CA SER A 374 -15.95 -7.48 0.33
C SER A 374 -16.39 -6.06 -0.05
N PHE A 375 -15.69 -5.29 -0.88
CA PHE A 375 -16.11 -3.93 -1.22
C PHE A 375 -15.58 -3.58 -2.58
N THR A 376 -15.92 -2.50 -3.22
CA THR A 376 -15.40 -2.22 -4.55
C THR A 376 -14.24 -1.31 -4.29
N ALA A 377 -13.13 -1.58 -4.98
CA ALA A 377 -11.94 -0.76 -4.84
C ALA A 377 -12.27 0.71 -5.19
N MET A 378 -12.08 1.71 -4.32
CA MET A 378 -12.43 3.12 -4.60
C MET A 378 -11.93 3.64 -5.95
N TYR A 379 -10.73 3.26 -6.41
CA TYR A 379 -10.19 3.65 -7.69
C TYR A 379 -11.12 3.27 -8.86
N THR A 380 -11.78 2.10 -8.74
CA THR A 380 -12.63 1.55 -9.79
C THR A 380 -14.10 1.89 -9.53
N ALA A 381 -14.50 2.39 -8.35
CA ALA A 381 -15.92 2.56 -8.00
C ALA A 381 -16.61 3.61 -8.82
N VAL A 382 -15.87 4.59 -9.29
CA VAL A 382 -16.46 5.61 -10.15
C VAL A 382 -16.42 5.22 -11.62
N THR A 383 -16.15 3.95 -11.99
CA THR A 383 -16.03 3.59 -13.40
C THR A 383 -17.01 2.43 -13.75
N THR A 384 -17.14 2.09 -15.04
CA THR A 384 -17.89 0.92 -15.44
C THR A 384 -16.96 -0.28 -15.32
N HIS A 385 -15.75 -0.26 -14.71
CA HIS A 385 -14.94 -1.45 -14.58
C HIS A 385 -14.66 -1.66 -13.16
N ARG A 386 -15.69 -1.78 -12.34
CA ARG A 386 -15.50 -1.97 -10.91
C ARG A 386 -14.80 -3.29 -10.61
N GLN A 387 -13.94 -3.33 -9.57
CA GLN A 387 -13.22 -4.55 -9.28
C GLN A 387 -13.43 -4.77 -7.82
N PRO A 388 -13.73 -6.02 -7.40
CA PRO A 388 -13.87 -6.39 -6.02
C PRO A 388 -12.57 -6.29 -5.26
N CYS A 389 -12.70 -6.08 -3.97
CA CYS A 389 -11.58 -6.20 -3.05
C CYS A 389 -12.17 -7.13 -1.99
N ARG A 390 -11.53 -8.25 -1.64
CA ARG A 390 -12.03 -9.16 -0.62
C ARG A 390 -10.91 -9.44 0.38
N MET A 391 -11.23 -9.39 1.69
CA MET A 391 -10.27 -9.53 2.77
C MET A 391 -10.83 -10.49 3.78
N LYS A 392 -10.00 -11.26 4.42
CA LYS A 392 -10.43 -12.25 5.39
C LYS A 392 -9.41 -12.32 6.51
N LEU A 393 -9.88 -12.40 7.74
CA LEU A 393 -9.05 -12.60 8.92
C LEU A 393 -9.53 -13.92 9.49
N VAL A 394 -8.60 -14.81 9.79
CA VAL A 394 -8.90 -16.13 10.35
C VAL A 394 -8.34 -16.08 11.79
N CYS A 395 -9.22 -16.25 12.79
CA CYS A 395 -8.95 -16.13 14.21
C CYS A 395 -9.22 -17.45 14.86
N VAL A 396 -8.47 -17.79 15.90
CA VAL A 396 -8.73 -19.02 16.62
C VAL A 396 -8.86 -18.73 18.12
N GLY A 397 -9.73 -19.49 18.77
CA GLY A 397 -9.91 -19.38 20.20
C GLY A 397 -10.77 -18.20 20.63
N SER A 398 -11.00 -18.13 21.92
CA SER A 398 -11.84 -17.10 22.53
C SER A 398 -11.20 -15.74 22.49
N GLU A 399 -9.87 -15.78 22.46
CA GLU A 399 -9.02 -14.61 22.36
C GLU A 399 -8.95 -14.09 20.92
N GLU A 400 -9.47 -14.93 20.02
CA GLU A 400 -9.44 -14.74 18.59
C GLU A 400 -8.04 -14.30 18.17
N LYS A 401 -7.08 -15.18 18.40
CA LYS A 401 -5.72 -14.91 17.98
C LYS A 401 -5.72 -15.03 16.45
N ILE A 402 -5.10 -14.07 15.79
CA ILE A 402 -5.06 -14.07 14.34
C ILE A 402 -4.04 -15.07 13.81
N VAL A 403 -4.44 -15.97 12.92
CA VAL A 403 -3.52 -16.96 12.37
C VAL A 403 -3.47 -16.89 10.86
N GLY A 404 -4.26 -16.05 10.20
CA GLY A 404 -4.17 -15.99 8.74
C GLY A 404 -4.75 -14.66 8.32
N ILE A 405 -4.15 -13.95 7.38
CA ILE A 405 -4.65 -12.65 6.92
C ILE A 405 -4.65 -12.78 5.42
N HIS A 406 -5.71 -12.56 4.64
CA HIS A 406 -5.67 -12.85 3.23
C HIS A 406 -6.43 -11.75 2.53
N GLY A 407 -6.03 -11.28 1.35
CA GLY A 407 -6.78 -10.23 0.70
C GLY A 407 -6.44 -10.25 -0.75
N ILE A 408 -7.36 -9.85 -1.60
CA ILE A 408 -7.12 -9.69 -3.01
C ILE A 408 -7.78 -8.35 -3.34
N GLY A 409 -7.15 -7.39 -4.04
CA GLY A 409 -7.72 -6.12 -4.36
C GLY A 409 -6.60 -5.09 -4.47
N PHE A 410 -6.84 -3.96 -5.12
CA PHE A 410 -5.87 -2.84 -5.10
C PHE A 410 -5.38 -2.54 -3.70
N GLY A 411 -4.06 -2.42 -3.54
CA GLY A 411 -3.51 -2.01 -2.28
C GLY A 411 -2.91 -3.18 -1.52
N MET A 412 -3.20 -4.43 -1.90
CA MET A 412 -2.72 -5.59 -1.13
C MET A 412 -1.19 -5.72 -1.12
N ASP A 413 -0.56 -5.31 -2.22
CA ASP A 413 0.92 -5.39 -2.31
C ASP A 413 1.65 -4.57 -1.25
N GLU A 414 1.20 -3.34 -0.94
CA GLU A 414 1.93 -2.55 0.04
C GLU A 414 1.36 -2.69 1.43
N MET A 415 0.06 -3.08 1.60
CA MET A 415 -0.43 -3.16 2.95
C MET A 415 0.03 -4.33 3.77
N LEU A 416 0.43 -5.43 3.15
CA LEU A 416 0.63 -6.63 3.95
C LEU A 416 1.81 -6.62 4.93
N GLN A 417 2.92 -5.95 4.64
CA GLN A 417 4.12 -6.05 5.47
C GLN A 417 3.90 -5.71 6.93
N GLY A 418 3.25 -4.61 7.23
CA GLY A 418 3.00 -4.27 8.62
C GLY A 418 2.09 -5.27 9.31
N PHE A 419 1.11 -5.84 8.61
CA PHE A 419 0.20 -6.79 9.25
C PHE A 419 0.94 -8.08 9.54
N ALA A 420 1.96 -8.41 8.73
CA ALA A 420 2.78 -9.61 8.94
C ALA A 420 3.64 -9.44 10.19
N VAL A 421 4.07 -8.19 10.50
CA VAL A 421 4.83 -7.94 11.73
C VAL A 421 3.90 -8.18 12.91
N ALA A 422 2.67 -7.67 12.83
CA ALA A 422 1.66 -7.84 13.89
C ALA A 422 1.32 -9.32 14.05
N LEU A 423 1.19 -10.06 12.96
CA LEU A 423 0.90 -11.50 13.07
C LEU A 423 2.05 -12.19 13.78
N LYS A 424 3.30 -11.86 13.41
CA LYS A 424 4.50 -12.44 14.02
C LYS A 424 4.55 -12.11 15.52
N MET A 425 4.21 -10.89 15.96
CA MET A 425 4.06 -10.58 17.37
C MET A 425 2.91 -11.29 18.07
N GLY A 426 1.96 -11.99 17.43
CA GLY A 426 0.90 -12.64 18.17
C GLY A 426 -0.35 -11.76 18.32
N ALA A 427 -0.64 -10.92 17.32
CA ALA A 427 -1.79 -10.04 17.30
C ALA A 427 -3.10 -10.82 17.49
N THR A 428 -4.03 -10.24 18.27
CA THR A 428 -5.37 -10.81 18.40
C THR A 428 -6.30 -9.83 17.66
N LYS A 429 -7.56 -10.18 17.40
CA LYS A 429 -8.46 -9.27 16.73
C LYS A 429 -8.56 -7.98 17.52
N LYS A 430 -8.52 -8.04 18.86
CA LYS A 430 -8.59 -6.87 19.71
C LYS A 430 -7.48 -5.88 19.41
N ASP A 431 -6.29 -6.40 19.12
CA ASP A 431 -5.15 -5.56 18.77
C ASP A 431 -5.43 -4.76 17.52
N PHE A 432 -6.09 -5.40 16.56
CA PHE A 432 -6.39 -4.69 15.33
C PHE A 432 -7.46 -3.67 15.56
N ASP A 433 -8.52 -4.05 16.26
CA ASP A 433 -9.62 -3.15 16.52
C ASP A 433 -9.27 -1.99 17.40
N ASN A 434 -8.25 -2.13 18.21
CA ASN A 434 -7.86 -0.99 18.99
C ASN A 434 -6.95 0.00 18.28
N THR A 435 -6.67 -0.23 17.02
CA THR A 435 -5.81 0.70 16.31
C THR A 435 -6.76 1.60 15.55
N VAL A 436 -6.53 2.90 15.42
CA VAL A 436 -7.44 3.77 14.66
C VAL A 436 -7.20 3.59 13.18
N ALA A 437 -8.27 3.55 12.41
CA ALA A 437 -8.20 3.45 10.99
C ALA A 437 -7.55 4.68 10.33
N ILE A 438 -7.11 4.47 9.10
CA ILE A 438 -6.63 5.51 8.24
C ILE A 438 -7.65 5.62 7.11
N HIS A 439 -8.24 6.78 6.85
CA HIS A 439 -9.31 6.89 5.89
C HIS A 439 -8.98 7.96 4.89
N PRO A 440 -9.28 7.80 3.60
CA PRO A 440 -9.76 6.55 2.97
C PRO A 440 -8.70 5.58 2.41
N THR A 441 -8.61 4.34 2.89
CA THR A 441 -7.66 3.38 2.34
C THR A 441 -8.36 2.02 2.28
N ALA A 442 -7.81 1.10 1.48
CA ALA A 442 -8.21 -0.30 1.52
C ALA A 442 -7.76 -0.96 2.82
N ALA A 443 -6.58 -0.59 3.35
CA ALA A 443 -6.06 -1.26 4.55
C ALA A 443 -6.86 -1.06 5.83
N GLU A 444 -7.58 0.06 6.00
CA GLU A 444 -8.40 0.27 7.21
C GLU A 444 -9.53 -0.77 7.36
N GLU A 445 -9.90 -1.47 6.30
CA GLU A 445 -10.88 -2.58 6.37
C GLU A 445 -10.48 -3.67 7.32
N PHE A 446 -9.20 -4.04 7.43
CA PHE A 446 -8.72 -5.00 8.39
C PHE A 446 -8.84 -4.54 9.81
N VAL A 447 -8.92 -3.27 10.14
CA VAL A 447 -9.05 -2.87 11.55
C VAL A 447 -10.47 -2.43 11.88
N THR A 448 -11.44 -2.55 10.96
CA THR A 448 -12.82 -2.20 11.26
C THR A 448 -13.77 -3.35 10.90
N MET A 449 -13.33 -4.61 11.02
CA MET A 449 -14.10 -5.79 10.65
C MET A 449 -14.94 -6.12 11.84
N ARG A 450 -16.15 -6.54 11.49
CA ARG A 450 -17.16 -6.78 12.50
C ARG A 450 -17.85 -8.09 12.19
N THR B 2 -43.83 18.29 22.23
CA THR B 2 -42.53 17.71 22.33
C THR B 2 -42.35 16.19 22.19
N LYS B 3 -41.48 15.78 21.28
CA LYS B 3 -41.12 14.37 21.18
C LYS B 3 -39.88 14.18 22.03
N HIS B 4 -39.78 13.04 22.70
CA HIS B 4 -38.68 12.74 23.58
C HIS B 4 -37.90 11.54 23.05
N TYR B 5 -36.57 11.66 23.02
CA TYR B 5 -35.67 10.62 22.56
C TYR B 5 -34.73 10.27 23.71
N ASP B 6 -34.16 9.07 23.64
CA ASP B 6 -33.06 8.66 24.51
C ASP B 6 -31.79 9.41 24.12
N TYR B 7 -31.52 9.66 22.84
CA TYR B 7 -30.22 10.16 22.42
C TYR B 7 -30.49 10.93 21.16
N ILE B 8 -29.97 12.13 21.06
CA ILE B 8 -30.06 12.95 19.87
C ILE B 8 -28.61 13.39 19.51
N ALA B 9 -28.22 13.37 18.24
CA ALA B 9 -26.94 13.88 17.82
C ALA B 9 -27.28 15.07 16.92
N ILE B 10 -26.65 16.21 17.16
CA ILE B 10 -26.74 17.38 16.28
C ILE B 10 -25.53 17.25 15.31
N GLY B 11 -25.77 16.99 14.04
CA GLY B 11 -24.72 16.79 13.09
C GLY B 11 -24.69 15.36 12.59
N GLY B 12 -24.95 15.28 11.29
CA GLY B 12 -24.95 13.98 10.66
C GLY B 12 -23.63 13.72 9.92
N GLY B 13 -22.44 14.00 10.47
CA GLY B 13 -21.17 13.72 9.79
C GLY B 13 -20.54 12.50 10.41
N SER B 14 -19.21 12.45 10.42
CA SER B 14 -18.49 11.27 10.89
C SER B 14 -18.80 10.85 12.32
N GLY B 15 -18.78 11.76 13.28
CA GLY B 15 -18.95 11.40 14.66
C GLY B 15 -20.44 11.22 14.98
N GLY B 16 -21.29 12.05 14.39
CA GLY B 16 -22.73 11.95 14.68
C GLY B 16 -23.31 10.62 14.20
N ILE B 17 -23.08 10.25 12.93
CA ILE B 17 -23.55 8.99 12.38
C ILE B 17 -22.96 7.81 13.13
N ALA B 18 -21.65 7.80 13.42
CA ALA B 18 -21.08 6.66 14.10
C ALA B 18 -21.63 6.46 15.49
N SER B 19 -21.81 7.53 16.25
CA SER B 19 -22.35 7.43 17.60
C SER B 19 -23.83 7.04 17.60
N ILE B 20 -24.65 7.60 16.71
CA ILE B 20 -26.07 7.33 16.74
C ILE B 20 -26.31 5.88 16.32
N ASN B 21 -25.60 5.38 15.30
CA ASN B 21 -25.78 3.99 14.91
C ASN B 21 -25.43 3.02 15.99
N ARG B 22 -24.36 3.31 16.74
CA ARG B 22 -23.99 2.35 17.75
C ARG B 22 -24.97 2.41 18.92
N ALA B 23 -25.53 3.59 19.27
CA ALA B 23 -26.51 3.74 20.35
C ALA B 23 -27.77 2.99 19.92
N ALA B 24 -28.21 3.20 18.68
CA ALA B 24 -29.41 2.60 18.16
C ALA B 24 -29.29 1.10 18.22
N MET B 25 -28.09 0.53 18.06
CA MET B 25 -27.90 -0.92 18.19
C MET B 25 -28.25 -1.51 19.55
N TYR B 26 -28.13 -0.74 20.62
CA TYR B 26 -28.47 -1.20 21.95
C TYR B 26 -29.92 -0.79 22.31
N GLY B 27 -30.78 -0.50 21.33
CA GLY B 27 -32.18 -0.24 21.63
C GLY B 27 -32.50 1.17 22.00
N GLN B 28 -31.61 2.15 21.98
CA GLN B 28 -31.97 3.52 22.26
C GLN B 28 -32.75 4.10 21.08
N LYS B 29 -33.82 4.86 21.37
CA LYS B 29 -34.54 5.57 20.35
C LYS B 29 -33.80 6.89 20.14
N CYS B 30 -33.36 7.09 18.91
CA CYS B 30 -32.49 8.18 18.56
C CYS B 30 -33.01 9.07 17.44
N ALA B 31 -32.53 10.31 17.47
CA ALA B 31 -32.75 11.24 16.37
C ALA B 31 -31.40 11.81 15.93
N LEU B 32 -31.26 12.05 14.64
CA LEU B 32 -30.05 12.59 14.12
C LEU B 32 -30.48 13.83 13.40
N ILE B 33 -29.97 15.04 13.72
CA ILE B 33 -30.38 16.26 13.00
C ILE B 33 -29.22 16.64 12.09
N GLU B 34 -29.45 16.91 10.80
CA GLU B 34 -28.42 17.27 9.88
C GLU B 34 -29.02 18.41 9.08
N ALA B 35 -28.31 19.56 9.05
CA ALA B 35 -28.81 20.69 8.29
C ALA B 35 -28.54 20.65 6.81
N LYS B 36 -27.59 19.86 6.29
CA LYS B 36 -27.32 19.83 4.85
C LYS B 36 -27.33 18.40 4.33
N GLU B 37 -26.18 17.73 4.13
CA GLU B 37 -26.16 16.37 3.57
C GLU B 37 -25.53 15.41 4.54
N LEU B 38 -26.05 14.19 4.54
CA LEU B 38 -25.52 13.15 5.37
C LEU B 38 -24.10 12.83 4.90
N GLY B 39 -23.34 12.47 5.91
CA GLY B 39 -21.95 12.11 5.76
C GLY B 39 -21.06 13.28 6.17
N GLY B 40 -21.55 14.51 6.32
CA GLY B 40 -20.76 15.63 6.81
C GLY B 40 -19.63 16.03 5.89
N THR B 41 -18.59 16.62 6.47
CA THR B 41 -17.48 17.10 5.67
C THR B 41 -16.78 16.00 4.88
N CYS B 42 -16.50 14.87 5.53
CA CYS B 42 -15.71 13.81 4.93
C CYS B 42 -16.29 13.22 3.64
N VAL B 43 -17.58 12.92 3.65
CA VAL B 43 -18.23 12.36 2.49
C VAL B 43 -18.47 13.40 1.43
N ASN B 44 -18.82 14.63 1.81
CA ASN B 44 -19.29 15.55 0.79
C ASN B 44 -18.28 16.52 0.29
N VAL B 45 -17.38 17.05 1.13
CA VAL B 45 -16.40 18.03 0.65
C VAL B 45 -15.06 17.71 1.32
N GLY B 46 -14.70 16.42 1.49
CA GLY B 46 -13.51 16.08 2.24
C GLY B 46 -12.87 14.81 1.74
N CYS B 47 -12.73 13.82 2.62
CA CYS B 47 -12.09 12.56 2.33
C CYS B 47 -12.41 11.92 1.03
N VAL B 48 -13.72 11.73 0.78
CA VAL B 48 -14.12 11.00 -0.43
C VAL B 48 -13.95 11.79 -1.75
N PRO B 49 -14.49 13.00 -2.04
CA PRO B 49 -14.20 13.64 -3.32
C PRO B 49 -12.69 13.94 -3.50
N LYS B 50 -11.95 14.20 -2.41
CA LYS B 50 -10.49 14.52 -2.42
C LYS B 50 -9.76 13.29 -2.97
N LYS B 51 -10.05 12.10 -2.45
CA LYS B 51 -9.37 10.91 -2.93
C LYS B 51 -9.74 10.61 -4.35
N VAL B 52 -10.97 10.87 -4.82
CA VAL B 52 -11.34 10.60 -6.21
C VAL B 52 -10.53 11.54 -7.12
N MET B 53 -10.32 12.78 -6.71
CA MET B 53 -9.53 13.71 -7.50
C MET B 53 -8.03 13.34 -7.45
N TRP B 54 -7.57 12.79 -6.31
CA TRP B 54 -6.17 12.31 -6.26
C TRP B 54 -6.01 11.21 -7.30
N HIS B 55 -6.99 10.28 -7.45
CA HIS B 55 -6.88 9.23 -8.46
C HIS B 55 -6.88 9.80 -9.83
N ALA B 56 -7.67 10.86 -10.08
CA ALA B 56 -7.66 11.41 -11.41
C ALA B 56 -6.26 12.04 -11.73
N ALA B 57 -5.62 12.74 -10.78
CA ALA B 57 -4.27 13.27 -10.95
C ALA B 57 -3.34 12.07 -11.13
N GLN B 58 -3.42 10.94 -10.40
CA GLN B 58 -2.59 9.78 -10.67
C GLN B 58 -2.76 9.28 -12.08
N ILE B 59 -3.94 9.21 -12.64
CA ILE B 59 -4.14 8.74 -14.01
C ILE B 59 -3.56 9.75 -14.98
N ARG B 60 -3.73 11.07 -14.78
CA ARG B 60 -3.16 12.02 -15.76
C ARG B 60 -1.61 11.95 -15.71
N GLU B 61 -0.98 11.76 -14.56
CA GLU B 61 0.47 11.60 -14.38
C GLU B 61 0.92 10.34 -15.06
N ALA B 62 0.20 9.23 -14.89
CA ALA B 62 0.52 8.00 -15.62
C ALA B 62 0.44 8.27 -17.13
N ILE B 63 -0.52 9.03 -17.65
CA ILE B 63 -0.58 9.28 -19.10
C ILE B 63 0.53 10.19 -19.59
N HIS B 64 0.77 11.21 -18.84
CA HIS B 64 1.55 12.30 -19.31
C HIS B 64 2.97 12.33 -18.80
N MET B 65 3.22 11.89 -17.58
CA MET B 65 4.53 11.99 -17.03
C MET B 65 5.30 10.71 -17.14
N TYR B 66 4.75 9.62 -16.64
CA TYR B 66 5.46 8.36 -16.55
C TYR B 66 5.28 7.49 -17.78
N GLY B 67 4.09 7.46 -18.38
CA GLY B 67 3.83 6.63 -19.54
C GLY B 67 4.79 6.71 -20.71
N PRO B 68 5.28 7.87 -21.18
CA PRO B 68 6.21 7.94 -22.31
C PRO B 68 7.52 7.18 -22.05
N ASP B 69 8.05 7.15 -20.84
CA ASP B 69 9.26 6.41 -20.55
C ASP B 69 9.02 4.92 -20.49
N TYR B 70 7.76 4.53 -20.34
CA TYR B 70 7.39 3.12 -20.41
C TYR B 70 7.03 2.75 -21.84
N GLY B 71 7.19 3.62 -22.83
CA GLY B 71 6.93 3.27 -24.19
C GLY B 71 5.52 3.69 -24.60
N PHE B 72 4.66 4.31 -23.80
CA PHE B 72 3.32 4.69 -24.30
C PHE B 72 3.32 6.09 -24.84
N ASP B 73 3.14 6.30 -26.13
CA ASP B 73 2.98 7.61 -26.73
C ASP B 73 1.47 7.79 -26.88
N THR B 74 1.00 8.73 -26.07
CA THR B 74 -0.40 9.03 -25.91
C THR B 74 -0.81 10.48 -26.17
N THR B 75 -1.98 10.71 -26.74
CA THR B 75 -2.50 12.04 -26.88
C THR B 75 -3.75 12.13 -25.98
N ILE B 76 -3.87 13.07 -25.06
CA ILE B 76 -5.13 13.30 -24.35
C ILE B 76 -5.94 14.20 -25.26
N ASN B 77 -6.89 13.60 -25.89
CA ASN B 77 -7.74 14.31 -26.81
C ASN B 77 -8.62 15.30 -26.07
N LYS B 78 -9.16 14.96 -24.89
CA LYS B 78 -9.99 15.89 -24.17
C LYS B 78 -10.02 15.43 -22.73
N PHE B 79 -9.89 16.36 -21.79
CA PHE B 79 -10.11 15.99 -20.40
C PHE B 79 -11.50 16.56 -20.14
N ASN B 80 -12.51 15.76 -20.02
CA ASN B 80 -13.85 16.23 -19.73
C ASN B 80 -14.08 16.32 -18.21
N TRP B 81 -13.96 17.52 -17.67
CA TRP B 81 -14.18 17.78 -16.22
C TRP B 81 -15.60 17.47 -15.75
N GLU B 82 -16.63 17.66 -16.60
CA GLU B 82 -18.01 17.42 -16.26
C GLU B 82 -18.21 15.94 -16.06
N THR B 83 -17.53 15.11 -16.84
CA THR B 83 -17.63 13.69 -16.67
C THR B 83 -17.05 13.24 -15.36
N LEU B 84 -15.87 13.77 -15.01
CA LEU B 84 -15.25 13.42 -13.75
C LEU B 84 -16.14 13.84 -12.58
N ILE B 85 -16.68 15.06 -12.67
CA ILE B 85 -17.48 15.57 -11.55
C ILE B 85 -18.79 14.75 -11.47
N ALA B 86 -19.42 14.41 -12.61
CA ALA B 86 -20.59 13.54 -12.60
C ALA B 86 -20.29 12.17 -11.97
N SER B 87 -19.20 11.47 -12.30
CA SER B 87 -18.86 10.17 -11.65
C SER B 87 -18.63 10.31 -10.15
N ARG B 88 -17.97 11.41 -9.78
CA ARG B 88 -17.65 11.67 -8.39
C ARG B 88 -18.93 11.87 -7.60
N THR B 89 -19.82 12.72 -8.17
CA THR B 89 -21.06 13.07 -7.49
C THR B 89 -21.97 11.86 -7.40
N ALA B 90 -22.05 11.02 -8.45
CA ALA B 90 -22.90 9.84 -8.38
C ALA B 90 -22.45 8.89 -7.29
N TYR B 91 -21.14 8.86 -7.09
CA TYR B 91 -20.58 7.98 -6.10
C TYR B 91 -20.95 8.47 -4.70
N ILE B 92 -20.79 9.76 -4.47
CA ILE B 92 -21.22 10.32 -3.18
C ILE B 92 -22.75 10.13 -2.97
N ASP B 93 -23.61 10.29 -3.97
CA ASP B 93 -25.05 10.02 -3.82
C ASP B 93 -25.35 8.60 -3.38
N ARG B 94 -24.60 7.62 -3.92
CA ARG B 94 -24.68 6.23 -3.49
C ARG B 94 -24.31 6.04 -2.08
N ILE B 95 -23.32 6.79 -1.62
CA ILE B 95 -22.94 6.67 -0.22
C ILE B 95 -24.06 7.28 0.63
N HIS B 96 -24.67 8.41 0.26
CA HIS B 96 -25.80 8.99 1.02
C HIS B 96 -26.86 7.90 1.22
N THR B 97 -27.25 7.19 0.16
CA THR B 97 -28.23 6.09 0.20
C THR B 97 -27.86 4.98 1.15
N SER B 98 -26.60 4.57 1.14
CA SER B 98 -26.09 3.58 2.06
C SER B 98 -26.23 4.06 3.50
N TYR B 99 -25.97 5.34 3.81
CA TYR B 99 -26.13 5.78 5.17
C TYR B 99 -27.59 5.79 5.58
N GLU B 100 -28.46 6.24 4.67
CA GLU B 100 -29.89 6.28 4.90
C GLU B 100 -30.43 4.91 5.18
N ASN B 101 -29.90 3.92 4.47
CA ASN B 101 -30.32 2.54 4.64
C ASN B 101 -30.00 2.05 6.03
N VAL B 102 -28.80 2.33 6.54
CA VAL B 102 -28.41 1.82 7.84
C VAL B 102 -29.17 2.53 8.96
N LEU B 103 -29.32 3.83 8.78
CA LEU B 103 -30.00 4.60 9.80
C LEU B 103 -31.45 4.15 9.88
N GLY B 104 -32.05 3.89 8.71
CA GLY B 104 -33.42 3.42 8.61
C GLY B 104 -33.55 2.05 9.24
N LYS B 105 -32.63 1.13 8.96
CA LYS B 105 -32.67 -0.19 9.60
C LYS B 105 -32.49 -0.07 11.07
N ASN B 106 -31.87 1.02 11.54
CA ASN B 106 -31.67 1.17 12.96
C ASN B 106 -32.79 1.98 13.58
N ASN B 107 -33.83 2.34 12.82
CA ASN B 107 -34.97 3.08 13.36
C ASN B 107 -34.59 4.42 13.95
N VAL B 108 -33.60 5.07 13.35
CA VAL B 108 -33.20 6.38 13.81
C VAL B 108 -34.05 7.38 13.06
N ASP B 109 -34.59 8.40 13.74
CA ASP B 109 -35.32 9.45 13.03
C ASP B 109 -34.33 10.48 12.57
N VAL B 110 -34.24 10.71 11.27
CA VAL B 110 -33.33 11.67 10.73
C VAL B 110 -34.14 12.96 10.50
N ILE B 111 -33.77 14.13 11.04
CA ILE B 111 -34.48 15.37 10.91
C ILE B 111 -33.59 16.26 10.11
N LYS B 112 -34.05 16.81 9.01
CA LYS B 112 -33.28 17.68 8.18
C LYS B 112 -33.59 19.11 8.59
N GLY B 113 -32.70 19.80 9.25
CA GLY B 113 -32.83 21.21 9.54
C GLY B 113 -31.72 21.58 10.50
N PHE B 114 -31.64 22.84 10.87
CA PHE B 114 -30.59 23.33 11.73
C PHE B 114 -31.09 23.40 13.16
N ALA B 115 -30.45 22.72 14.10
CA ALA B 115 -30.87 22.67 15.47
C ALA B 115 -30.22 23.71 16.35
N ARG B 116 -30.93 24.23 17.33
CA ARG B 116 -30.40 25.16 18.32
C ARG B 116 -30.96 24.76 19.65
N PHE B 117 -30.19 25.02 20.70
CA PHE B 117 -30.64 24.69 22.04
C PHE B 117 -31.68 25.66 22.55
N VAL B 118 -32.60 25.18 23.37
CA VAL B 118 -33.60 26.02 24.02
C VAL B 118 -33.13 25.96 25.44
N ASP B 119 -32.80 24.82 26.01
CA ASP B 119 -32.21 24.79 27.32
C ASP B 119 -31.34 23.56 27.35
N ALA B 120 -30.90 23.07 28.51
CA ALA B 120 -29.95 21.98 28.50
C ALA B 120 -30.49 20.68 27.96
N LYS B 121 -31.81 20.53 27.93
CA LYS B 121 -32.31 19.26 27.43
C LYS B 121 -33.22 19.41 26.25
N THR B 122 -33.34 20.59 25.69
CA THR B 122 -34.35 20.82 24.66
C THR B 122 -33.73 21.47 23.43
N LEU B 123 -34.09 21.02 22.23
CA LEU B 123 -33.65 21.55 20.97
C LEU B 123 -34.82 21.98 20.18
N GLU B 124 -34.65 22.98 19.35
CA GLU B 124 -35.68 23.40 18.49
C GLU B 124 -35.11 23.22 17.08
N VAL B 125 -35.87 22.65 16.15
CA VAL B 125 -35.40 22.39 14.81
C VAL B 125 -36.64 22.71 14.00
N ASN B 126 -36.66 23.64 13.05
CA ASN B 126 -37.86 23.84 12.22
C ASN B 126 -39.16 24.13 12.99
N GLY B 127 -39.04 24.90 14.07
CA GLY B 127 -40.19 25.32 14.88
C GLY B 127 -40.67 24.28 15.91
N GLU B 128 -40.29 23.03 15.71
CA GLU B 128 -40.60 21.95 16.63
C GLU B 128 -39.56 21.84 17.73
N THR B 129 -39.95 21.22 18.83
CA THR B 129 -39.16 21.12 20.01
C THR B 129 -39.01 19.64 20.25
N ILE B 130 -37.79 19.18 20.58
CA ILE B 130 -37.54 17.78 20.85
C ILE B 130 -36.63 17.74 22.07
N THR B 131 -36.67 16.71 22.84
CA THR B 131 -35.92 16.73 24.05
C THR B 131 -35.29 15.37 24.16
N ALA B 132 -34.28 15.22 25.00
CA ALA B 132 -33.64 13.95 25.14
C ALA B 132 -32.82 13.96 26.38
N ASP B 133 -32.55 12.74 26.79
CA ASP B 133 -31.80 12.58 28.00
C ASP B 133 -30.30 12.73 27.69
N HIS B 134 -29.83 12.53 26.46
CA HIS B 134 -28.43 12.57 26.18
C HIS B 134 -28.33 13.33 24.88
N ILE B 135 -27.49 14.36 24.75
CA ILE B 135 -27.46 15.09 23.47
C ILE B 135 -25.99 15.14 23.06
N LEU B 136 -25.70 14.80 21.83
CA LEU B 136 -24.34 14.79 21.35
C LEU B 136 -24.24 15.96 20.37
N ILE B 137 -23.28 16.88 20.55
CA ILE B 137 -23.07 17.99 19.64
C ILE B 137 -21.90 17.53 18.75
N ALA B 138 -22.06 17.29 17.46
CA ALA B 138 -21.01 16.81 16.58
C ALA B 138 -21.14 17.62 15.32
N THR B 139 -20.98 18.96 15.50
CA THR B 139 -21.23 20.00 14.48
C THR B 139 -20.04 20.27 13.56
N GLY B 140 -18.86 19.71 13.85
CA GLY B 140 -17.78 19.90 12.90
C GLY B 140 -17.24 21.31 12.88
N GLY B 141 -16.70 21.65 11.72
CA GLY B 141 -16.00 22.90 11.57
C GLY B 141 -16.30 23.43 10.20
N ARG B 142 -15.61 24.50 9.80
CA ARG B 142 -15.78 25.09 8.47
C ARG B 142 -14.47 25.80 8.02
N PRO B 143 -14.24 26.10 6.75
CA PRO B 143 -13.06 26.79 6.28
C PRO B 143 -12.90 28.17 6.93
N SER B 144 -11.73 28.52 7.41
CA SER B 144 -11.44 29.88 7.84
C SER B 144 -11.07 30.75 6.63
N HIS B 145 -11.18 32.08 6.69
CA HIS B 145 -10.86 33.00 5.59
C HIS B 145 -10.01 34.10 6.18
N PRO B 146 -8.95 34.68 5.59
CA PRO B 146 -8.19 35.75 6.22
C PRO B 146 -8.94 37.07 6.18
N ASP B 147 -8.66 37.98 7.10
CA ASP B 147 -9.35 39.27 7.11
C ASP B 147 -8.46 40.23 6.33
N ILE B 148 -8.56 40.29 5.00
CA ILE B 148 -7.67 41.16 4.24
C ILE B 148 -8.52 41.60 3.08
N PRO B 149 -8.20 42.71 2.39
CA PRO B 149 -8.91 43.18 1.23
C PRO B 149 -8.93 42.17 0.12
N GLY B 150 -10.11 41.97 -0.45
CA GLY B 150 -10.27 41.03 -1.56
C GLY B 150 -10.39 39.55 -1.19
N VAL B 151 -10.47 39.16 0.10
CA VAL B 151 -10.64 37.77 0.52
C VAL B 151 -11.79 37.08 -0.18
N GLU B 152 -12.84 37.82 -0.55
CA GLU B 152 -14.01 37.25 -1.20
C GLU B 152 -13.79 36.94 -2.65
N TYR B 153 -12.62 37.31 -3.23
CA TYR B 153 -12.36 36.86 -4.56
C TYR B 153 -11.79 35.43 -4.45
N GLY B 154 -11.32 34.97 -3.28
CA GLY B 154 -10.83 33.60 -3.12
C GLY B 154 -11.96 32.62 -2.76
N ILE B 155 -11.83 31.33 -3.09
CA ILE B 155 -12.77 30.31 -2.66
C ILE B 155 -12.06 29.53 -1.59
N ASP B 156 -12.71 28.55 -0.97
CA ASP B 156 -12.03 27.72 -0.02
C ASP B 156 -12.14 26.25 -0.43
N SER B 157 -11.84 25.22 0.40
CA SER B 157 -11.92 23.86 -0.09
C SER B 157 -13.36 23.51 -0.43
N ASP B 158 -14.44 23.98 0.24
CA ASP B 158 -15.81 23.64 -0.25
C ASP B 158 -16.04 24.10 -1.67
N GLY B 159 -15.50 25.28 -1.95
CA GLY B 159 -15.61 25.90 -3.25
C GLY B 159 -14.83 25.15 -4.31
N PHE B 160 -13.65 24.62 -3.94
CA PHE B 160 -12.89 23.73 -4.84
C PHE B 160 -13.76 22.57 -5.36
N PHE B 161 -14.55 21.92 -4.49
CA PHE B 161 -15.35 20.77 -4.93
C PHE B 161 -16.52 21.29 -5.72
N ALA B 162 -16.79 22.61 -5.70
CA ALA B 162 -17.83 23.14 -6.58
C ALA B 162 -17.28 23.74 -7.85
N LEU B 163 -15.98 23.71 -8.16
CA LEU B 163 -15.49 24.31 -9.40
C LEU B 163 -16.15 23.77 -10.65
N PRO B 164 -16.57 24.66 -11.55
CA PRO B 164 -17.22 24.29 -12.79
C PRO B 164 -16.22 23.88 -13.83
N ALA B 165 -14.96 24.25 -13.71
CA ALA B 165 -13.98 23.83 -14.65
C ALA B 165 -12.63 23.91 -13.93
N LEU B 166 -11.58 23.30 -14.49
CA LEU B 166 -10.24 23.42 -13.99
C LEU B 166 -9.65 24.77 -14.50
N PRO B 167 -9.36 25.71 -13.61
CA PRO B 167 -8.71 26.99 -13.94
C PRO B 167 -7.32 26.76 -14.54
N GLU B 168 -6.79 27.60 -15.42
CA GLU B 168 -5.46 27.39 -15.94
C GLU B 168 -4.38 27.72 -14.95
N ARG B 169 -4.54 28.76 -14.10
CA ARG B 169 -3.48 29.12 -13.14
C ARG B 169 -4.14 29.17 -11.78
N VAL B 170 -3.56 28.53 -10.75
CA VAL B 170 -4.18 28.42 -9.44
C VAL B 170 -3.16 28.72 -8.36
N ALA B 171 -3.57 29.49 -7.34
CA ALA B 171 -2.78 29.73 -6.15
C ALA B 171 -3.49 29.02 -5.00
N VAL B 172 -2.84 28.29 -4.13
CA VAL B 172 -3.43 27.65 -2.99
C VAL B 172 -2.64 28.35 -1.89
N VAL B 173 -3.28 28.92 -0.88
CA VAL B 173 -2.60 29.59 0.19
C VAL B 173 -2.78 28.80 1.46
N GLY B 174 -1.72 28.29 2.10
CA GLY B 174 -1.78 27.55 3.36
C GLY B 174 -0.61 26.59 3.35
N ALA B 175 -0.37 25.96 4.49
CA ALA B 175 0.79 25.11 4.68
C ALA B 175 0.43 23.80 5.35
N GLY B 176 -0.84 23.46 5.53
CA GLY B 176 -1.19 22.24 6.24
C GLY B 176 -1.54 21.14 5.25
N TYR B 177 -2.03 19.99 5.72
CA TYR B 177 -2.21 18.88 4.82
C TYR B 177 -3.27 19.18 3.78
N ILE B 178 -4.32 19.97 4.07
CA ILE B 178 -5.30 20.24 3.04
C ILE B 178 -4.73 21.08 1.90
N ALA B 179 -3.94 22.13 2.21
CA ALA B 179 -3.38 22.93 1.13
C ALA B 179 -2.43 22.08 0.29
N VAL B 180 -1.61 21.25 0.93
CA VAL B 180 -0.64 20.41 0.25
C VAL B 180 -1.31 19.41 -0.68
N GLU B 181 -2.38 18.76 -0.18
CA GLU B 181 -3.10 17.78 -0.99
C GLU B 181 -3.73 18.45 -2.18
N LEU B 182 -4.38 19.56 -1.93
CA LEU B 182 -5.07 20.20 -3.03
C LEU B 182 -4.12 20.75 -4.04
N ALA B 183 -3.00 21.35 -3.63
CA ALA B 183 -2.04 21.87 -4.59
C ALA B 183 -1.44 20.71 -5.42
N GLY B 184 -1.12 19.55 -4.81
CA GLY B 184 -0.58 18.45 -5.58
C GLY B 184 -1.57 17.88 -6.58
N VAL B 185 -2.86 17.82 -6.18
CA VAL B 185 -3.91 17.34 -7.13
C VAL B 185 -4.08 18.27 -8.28
N ILE B 186 -4.20 19.57 -7.99
CA ILE B 186 -4.40 20.52 -9.08
C ILE B 186 -3.20 20.56 -10.04
N ASN B 187 -1.99 20.53 -9.50
CA ASN B 187 -0.79 20.43 -10.31
C ASN B 187 -0.77 19.14 -11.12
N GLY B 188 -1.09 18.00 -10.51
CA GLY B 188 -1.17 16.72 -11.17
C GLY B 188 -2.18 16.71 -12.31
N LEU B 189 -3.25 17.50 -12.16
CA LEU B 189 -4.23 17.64 -13.23
C LEU B 189 -3.91 18.60 -14.36
N GLY B 190 -2.79 19.29 -14.23
CA GLY B 190 -2.27 20.05 -15.36
C GLY B 190 -2.33 21.55 -15.21
N ALA B 191 -2.84 22.13 -14.14
CA ALA B 191 -2.97 23.58 -14.04
C ALA B 191 -1.62 24.15 -13.60
N LYS B 192 -1.27 25.40 -13.92
CA LYS B 192 -0.07 26.03 -13.41
C LYS B 192 -0.41 26.29 -11.95
N THR B 193 0.27 25.70 -10.97
CA THR B 193 -0.19 25.76 -9.58
C THR B 193 0.89 26.37 -8.69
N HIS B 194 0.50 27.26 -7.78
CA HIS B 194 1.44 27.90 -6.88
C HIS B 194 0.93 27.60 -5.50
N LEU B 195 1.79 27.20 -4.60
CA LEU B 195 1.48 26.98 -3.19
C LEU B 195 2.17 28.10 -2.39
N PHE B 196 1.50 28.82 -1.52
CA PHE B 196 2.08 29.90 -0.78
C PHE B 196 2.08 29.56 0.66
N VAL B 197 3.26 29.39 1.28
CA VAL B 197 3.29 29.06 2.71
C VAL B 197 3.88 30.20 3.52
N ARG B 198 3.43 30.38 4.77
CA ARG B 198 3.91 31.48 5.57
C ARG B 198 5.35 31.39 6.05
N LYS B 199 5.93 30.23 6.28
CA LYS B 199 7.32 30.17 6.74
C LYS B 199 8.18 29.48 5.68
N HIS B 200 9.12 28.64 6.12
CA HIS B 200 10.10 28.06 5.22
C HIS B 200 9.59 26.82 4.53
N ALA B 201 8.62 26.06 5.07
CA ALA B 201 8.20 24.84 4.36
C ALA B 201 6.76 24.53 4.75
N PRO B 202 6.03 23.75 3.94
CA PRO B 202 4.73 23.22 4.31
C PRO B 202 4.93 22.14 5.33
N LEU B 203 3.89 21.79 6.09
CA LEU B 203 3.90 20.69 7.05
C LEU B 203 5.05 20.76 8.03
N ARG B 204 5.17 21.98 8.54
CA ARG B 204 6.18 22.24 9.54
C ARG B 204 6.02 21.44 10.83
N SER B 205 4.85 20.90 11.18
CA SER B 205 4.68 20.07 12.36
C SER B 205 5.07 18.61 12.13
N PHE B 206 5.27 18.22 10.86
CA PHE B 206 5.60 16.84 10.52
C PHE B 206 7.09 16.62 10.76
N ASP B 207 7.62 15.41 10.81
CA ASP B 207 9.05 15.14 10.95
C ASP B 207 9.81 15.89 9.88
N PRO B 208 11.01 16.43 10.14
CA PRO B 208 11.71 17.24 9.17
C PRO B 208 12.01 16.52 7.87
N MET B 209 12.27 15.20 7.98
CA MET B 209 12.53 14.46 6.75
C MET B 209 11.40 14.58 5.75
N ILE B 210 10.18 14.73 6.25
CA ILE B 210 9.01 14.78 5.39
C ILE B 210 8.90 16.13 4.71
N SER B 211 8.99 17.26 5.44
CA SER B 211 8.78 18.56 4.80
C SER B 211 9.95 18.81 3.83
N GLU B 212 11.14 18.30 4.20
CA GLU B 212 12.30 18.43 3.35
C GLU B 212 12.13 17.71 2.04
N THR B 213 11.70 16.43 2.12
CA THR B 213 11.58 15.69 0.87
C THR B 213 10.48 16.30 0.04
N LEU B 214 9.40 16.74 0.69
CA LEU B 214 8.30 17.34 -0.06
C LEU B 214 8.74 18.59 -0.84
N VAL B 215 9.54 19.48 -0.23
CA VAL B 215 10.10 20.60 -0.98
C VAL B 215 10.91 20.13 -2.20
N GLU B 216 11.76 19.11 -2.04
CA GLU B 216 12.55 18.59 -3.15
C GLU B 216 11.67 18.23 -4.31
N VAL B 217 10.60 17.47 -3.99
CA VAL B 217 9.69 17.02 -5.04
C VAL B 217 9.00 18.24 -5.64
N MET B 218 8.53 19.21 -4.84
CA MET B 218 7.83 20.35 -5.45
C MET B 218 8.71 21.16 -6.39
N ASN B 219 9.98 21.20 -6.01
CA ASN B 219 10.90 21.99 -6.80
C ASN B 219 11.10 21.24 -8.06
N ALA B 220 11.10 19.93 -8.07
CA ALA B 220 11.29 19.23 -9.33
C ALA B 220 10.07 19.13 -10.17
N GLU B 221 8.86 18.96 -9.60
CA GLU B 221 7.73 18.77 -10.50
C GLU B 221 6.48 19.54 -10.28
N GLY B 222 6.60 20.58 -9.45
CA GLY B 222 5.44 21.38 -9.16
C GLY B 222 4.75 20.83 -7.92
N PRO B 223 3.86 21.55 -7.23
CA PRO B 223 3.50 22.92 -7.56
C PRO B 223 4.66 23.89 -7.28
N GLN B 224 4.64 25.11 -7.83
CA GLN B 224 5.65 26.11 -7.49
C GLN B 224 5.46 26.58 -6.06
N LEU B 225 6.43 26.35 -5.20
CA LEU B 225 6.36 26.68 -3.77
C LEU B 225 6.90 28.08 -3.51
N HIS B 226 6.22 28.93 -2.73
CA HIS B 226 6.62 30.30 -2.42
C HIS B 226 6.58 30.34 -0.94
N THR B 227 7.76 30.54 -0.31
CA THR B 227 7.92 30.50 1.13
C THR B 227 7.86 31.95 1.67
N ASN B 228 7.76 32.08 2.98
CA ASN B 228 7.68 33.34 3.70
C ASN B 228 6.65 34.23 3.09
N ALA B 229 5.50 33.64 2.77
CA ALA B 229 4.49 34.37 2.05
C ALA B 229 3.35 34.83 2.96
N ILE B 230 3.17 36.14 3.22
CA ILE B 230 2.02 36.58 3.99
C ILE B 230 1.07 37.41 3.13
N PRO B 231 -0.17 36.92 2.84
CA PRO B 231 -1.10 37.53 1.87
C PRO B 231 -1.43 38.92 2.36
N LYS B 232 -1.36 39.92 1.51
CA LYS B 232 -1.65 41.30 1.93
C LYS B 232 -3.00 41.68 1.34
N ALA B 233 -3.29 41.37 0.07
CA ALA B 233 -4.56 41.76 -0.51
C ALA B 233 -4.69 40.96 -1.77
N VAL B 234 -5.93 40.85 -2.25
CA VAL B 234 -6.21 40.26 -3.53
C VAL B 234 -6.93 41.33 -4.34
N VAL B 235 -6.51 41.51 -5.57
CA VAL B 235 -6.98 42.53 -6.46
C VAL B 235 -7.68 41.78 -7.58
N LYS B 236 -8.91 42.13 -7.92
CA LYS B 236 -9.52 41.56 -9.08
C LYS B 236 -9.09 42.43 -10.25
N ASN B 237 -8.52 41.85 -11.27
CA ASN B 237 -8.10 42.61 -12.43
C ASN B 237 -9.22 42.78 -13.40
N THR B 238 -8.97 43.68 -14.33
CA THR B 238 -9.93 44.01 -15.38
C THR B 238 -10.36 42.79 -16.17
N ASP B 239 -9.38 41.97 -16.59
CA ASP B 239 -9.69 40.75 -17.36
C ASP B 239 -10.33 39.59 -16.59
N GLY B 240 -10.50 39.71 -15.27
CA GLY B 240 -11.10 38.65 -14.49
C GLY B 240 -10.08 37.97 -13.60
N SER B 241 -8.79 38.01 -13.94
CA SER B 241 -7.83 37.32 -13.10
C SER B 241 -7.68 38.03 -11.78
N LEU B 242 -6.94 37.37 -10.91
CA LEU B 242 -6.76 37.84 -9.56
C LEU B 242 -5.26 38.04 -9.38
N THR B 243 -4.82 39.03 -8.63
CA THR B 243 -3.41 39.12 -8.34
C THR B 243 -3.35 39.08 -6.85
N LEU B 244 -2.62 38.09 -6.34
CA LEU B 244 -2.43 37.98 -4.92
C LEU B 244 -1.21 38.80 -4.62
N GLU B 245 -1.27 39.67 -3.63
CA GLU B 245 -0.15 40.52 -3.30
C GLU B 245 0.33 40.10 -1.93
N LEU B 246 1.63 39.93 -1.76
CA LEU B 246 2.16 39.55 -0.47
C LEU B 246 2.73 40.77 0.21
N GLU B 247 2.85 40.65 1.51
CA GLU B 247 3.39 41.67 2.36
C GLU B 247 4.77 42.09 1.92
N ASP B 248 5.68 41.16 1.57
CA ASP B 248 7.00 41.56 1.15
C ASP B 248 7.08 42.09 -0.28
N GLY B 249 5.95 42.26 -0.96
CA GLY B 249 6.02 42.87 -2.27
C GLY B 249 6.00 41.91 -3.42
N ARG B 250 6.09 40.61 -3.17
CA ARG B 250 5.89 39.69 -4.29
C ARG B 250 4.41 39.71 -4.72
N SER B 251 4.06 39.37 -5.94
CA SER B 251 2.67 39.34 -6.41
C SER B 251 2.52 38.19 -7.39
N GLU B 252 1.36 37.56 -7.56
CA GLU B 252 1.21 36.51 -8.54
C GLU B 252 -0.18 36.63 -9.15
N THR B 253 -0.39 36.56 -10.45
CA THR B 253 -1.71 36.65 -11.05
C THR B 253 -2.11 35.20 -11.42
N VAL B 254 -3.28 34.81 -10.92
CA VAL B 254 -3.84 33.47 -11.16
C VAL B 254 -5.28 33.65 -11.61
N ASP B 255 -5.88 32.56 -12.08
CA ASP B 255 -7.29 32.58 -12.39
C ASP B 255 -8.14 32.16 -11.18
N CYS B 256 -7.61 31.50 -10.17
CA CYS B 256 -8.43 31.01 -9.09
C CYS B 256 -7.51 31.05 -7.91
N LEU B 257 -8.05 31.36 -6.75
CA LEU B 257 -7.27 31.39 -5.56
C LEU B 257 -8.00 30.63 -4.47
N ILE B 258 -7.34 29.68 -3.84
CA ILE B 258 -7.95 28.88 -2.80
C ILE B 258 -7.35 29.19 -1.45
N TRP B 259 -8.15 29.62 -0.49
CA TRP B 259 -7.71 29.79 0.88
C TRP B 259 -7.76 28.42 1.53
N ALA B 260 -6.65 27.91 2.10
CA ALA B 260 -6.61 26.63 2.79
C ALA B 260 -5.68 26.81 3.96
N ILE B 261 -6.02 27.88 4.68
CA ILE B 261 -5.23 28.32 5.81
C ILE B 261 -5.65 27.64 7.09
N GLY B 262 -6.90 27.22 7.28
CA GLY B 262 -7.25 26.64 8.56
C GLY B 262 -8.75 26.41 8.52
N ARG B 263 -9.27 25.86 9.61
CA ARG B 263 -10.70 25.58 9.72
C ARG B 263 -11.06 26.02 11.13
N GLU B 264 -12.28 26.52 11.33
CA GLU B 264 -12.76 26.89 12.66
C GLU B 264 -13.98 26.04 13.08
N PRO B 265 -14.25 25.85 14.38
CA PRO B 265 -15.36 25.05 14.87
C PRO B 265 -16.71 25.67 14.50
N ALA B 266 -17.78 24.89 14.28
CA ALA B 266 -19.05 25.50 13.91
C ALA B 266 -19.88 25.34 15.18
N ASN B 267 -19.57 26.11 16.20
CA ASN B 267 -20.23 25.97 17.49
C ASN B 267 -20.89 27.28 17.93
N ASP B 268 -20.94 28.23 17.05
CA ASP B 268 -21.32 29.59 17.32
C ASP B 268 -22.77 30.01 17.09
N ASN B 269 -23.58 29.22 16.42
CA ASN B 269 -24.94 29.68 16.13
C ASN B 269 -26.06 28.76 16.64
N ILE B 270 -25.77 27.98 17.67
CA ILE B 270 -26.69 26.96 18.14
C ILE B 270 -27.14 27.19 19.56
N ASN B 271 -26.81 28.40 20.04
CA ASN B 271 -27.25 28.83 21.35
C ASN B 271 -26.83 27.98 22.53
N LEU B 272 -25.52 27.79 22.53
CA LEU B 272 -24.89 26.99 23.58
C LEU B 272 -25.04 27.60 24.95
N GLU B 273 -25.07 28.93 24.94
CA GLU B 273 -25.29 29.77 26.11
C GLU B 273 -26.50 29.27 26.91
N ALA B 274 -27.59 29.01 26.16
CA ALA B 274 -28.85 28.55 26.73
C ALA B 274 -28.69 27.26 27.48
N ALA B 275 -27.84 26.37 26.96
CA ALA B 275 -27.55 25.08 27.59
C ALA B 275 -26.46 25.16 28.64
N GLY B 276 -25.62 26.20 28.62
CA GLY B 276 -24.59 26.30 29.64
C GLY B 276 -23.26 25.62 29.29
N VAL B 277 -23.07 25.20 28.03
CA VAL B 277 -21.89 24.47 27.63
C VAL B 277 -20.70 25.42 27.51
N LYS B 278 -19.54 25.09 28.02
CA LYS B 278 -18.43 26.01 27.84
C LYS B 278 -17.48 25.63 26.71
N THR B 279 -17.11 26.68 25.99
CA THR B 279 -16.18 26.58 24.89
C THR B 279 -14.89 27.26 25.27
N ASN B 280 -13.77 26.96 24.65
CA ASN B 280 -12.54 27.62 24.96
C ASN B 280 -12.37 28.87 24.10
N GLU B 281 -11.16 29.45 24.17
CA GLU B 281 -10.85 30.74 23.56
C GLU B 281 -10.97 30.70 22.07
N LYS B 282 -10.67 29.53 21.51
CA LYS B 282 -10.73 29.37 20.06
C LYS B 282 -12.12 28.92 19.63
N GLY B 283 -13.05 28.69 20.58
CA GLY B 283 -14.43 28.45 20.22
C GLY B 283 -14.77 26.96 20.19
N TYR B 284 -13.86 26.07 20.58
CA TYR B 284 -14.11 24.65 20.59
C TYR B 284 -14.87 24.29 21.83
N ILE B 285 -15.65 23.21 21.80
CA ILE B 285 -16.27 22.75 23.02
C ILE B 285 -15.27 21.97 23.84
N VAL B 286 -15.20 22.30 25.12
CA VAL B 286 -14.27 21.65 26.01
C VAL B 286 -14.83 20.32 26.50
N VAL B 287 -14.10 19.23 26.33
CA VAL B 287 -14.56 17.91 26.77
C VAL B 287 -13.47 17.27 27.58
N ASP B 288 -13.85 16.29 28.37
CA ASP B 288 -12.87 15.53 29.13
C ASP B 288 -12.50 14.29 28.35
N LYS B 289 -11.88 13.33 29.03
CA LYS B 289 -11.42 12.07 28.43
C LYS B 289 -12.53 11.19 27.85
N TYR B 290 -13.74 11.46 28.34
CA TYR B 290 -14.90 10.67 27.96
C TYR B 290 -15.88 11.41 27.07
N GLN B 291 -15.46 12.55 26.53
CA GLN B 291 -16.26 13.39 25.66
C GLN B 291 -17.40 14.11 26.39
N ASN B 292 -17.34 14.18 27.71
CA ASN B 292 -18.30 14.98 28.48
C ASN B 292 -18.02 16.46 28.42
N THR B 293 -19.06 17.28 28.24
CA THR B 293 -18.90 18.72 28.30
C THR B 293 -19.06 19.00 29.79
N ASN B 294 -19.11 20.27 30.23
CA ASN B 294 -19.41 20.54 31.61
C ASN B 294 -20.87 20.23 32.00
N ILE B 295 -21.81 20.10 31.06
CA ILE B 295 -23.21 19.90 31.35
C ILE B 295 -23.41 18.41 31.19
N GLU B 296 -23.88 17.86 32.28
CA GLU B 296 -24.22 16.47 32.48
C GLU B 296 -25.23 16.10 31.40
N GLY B 297 -25.08 15.01 30.66
CA GLY B 297 -26.04 14.68 29.62
C GLY B 297 -25.72 15.34 28.27
N ILE B 298 -24.73 16.22 28.12
CA ILE B 298 -24.37 16.80 26.81
C ILE B 298 -22.91 16.38 26.54
N TYR B 299 -22.58 15.93 25.34
CA TYR B 299 -21.27 15.40 24.98
C TYR B 299 -20.87 16.03 23.65
N ALA B 300 -19.60 16.00 23.22
CA ALA B 300 -19.26 16.51 21.89
C ALA B 300 -18.12 15.63 21.35
N VAL B 301 -18.05 15.38 20.05
CA VAL B 301 -16.96 14.57 19.48
C VAL B 301 -16.69 15.23 18.13
N GLY B 302 -15.46 14.98 17.67
CA GLY B 302 -15.06 15.34 16.34
C GLY B 302 -14.35 16.67 16.29
N ASP B 303 -14.41 17.27 15.12
CA ASP B 303 -13.69 18.54 14.88
C ASP B 303 -14.09 19.71 15.76
N ASN B 304 -15.29 19.74 16.31
CA ASN B 304 -15.71 20.90 17.09
C ASN B 304 -15.19 20.85 18.51
N THR B 305 -14.40 19.82 18.89
CA THR B 305 -13.79 19.76 20.20
C THR B 305 -12.30 20.20 20.20
N GLY B 306 -11.73 20.41 19.01
CA GLY B 306 -10.33 20.77 18.89
C GLY B 306 -9.37 19.61 18.90
N ALA B 307 -9.87 18.39 18.94
CA ALA B 307 -9.02 17.24 18.86
C ALA B 307 -8.61 17.13 17.35
N VAL B 308 -7.68 16.22 17.10
CA VAL B 308 -7.21 15.97 15.75
C VAL B 308 -8.34 15.74 14.75
N GLU B 309 -8.22 16.54 13.73
CA GLU B 309 -9.20 16.63 12.70
C GLU B 309 -9.18 15.54 11.69
N LEU B 310 -9.57 14.34 12.12
CA LEU B 310 -9.60 13.20 11.21
C LEU B 310 -10.92 12.42 11.37
N THR B 311 -11.49 11.88 10.30
CA THR B 311 -12.75 11.08 10.38
C THR B 311 -12.64 9.86 11.30
N PRO B 312 -11.61 9.00 11.28
CA PRO B 312 -11.57 7.80 12.13
C PRO B 312 -11.55 8.08 13.59
N VAL B 313 -11.07 9.28 13.93
CA VAL B 313 -11.01 9.68 15.31
C VAL B 313 -12.42 10.07 15.73
N ALA B 314 -13.17 10.87 14.94
CA ALA B 314 -14.55 11.23 15.25
C ALA B 314 -15.35 9.93 15.37
N VAL B 315 -15.12 8.98 14.46
CA VAL B 315 -15.85 7.71 14.44
C VAL B 315 -15.58 6.91 15.68
N ALA B 316 -14.30 6.72 16.03
CA ALA B 316 -13.89 5.85 17.12
C ALA B 316 -14.36 6.50 18.41
N ALA B 317 -14.25 7.83 18.57
CA ALA B 317 -14.67 8.42 19.83
C ALA B 317 -16.20 8.35 19.97
N GLY B 318 -16.92 8.55 18.85
CA GLY B 318 -18.39 8.46 18.85
C GLY B 318 -18.91 7.06 19.24
N ARG B 319 -18.37 5.99 18.64
CA ARG B 319 -18.73 4.62 18.96
C ARG B 319 -18.39 4.28 20.37
N ARG B 320 -17.22 4.68 20.86
CA ARG B 320 -16.84 4.32 22.23
C ARG B 320 -17.71 5.09 23.24
N LEU B 321 -18.15 6.30 22.93
CA LEU B 321 -19.06 7.06 23.75
C LEU B 321 -20.40 6.31 23.85
N SER B 322 -20.96 5.79 22.74
CA SER B 322 -22.20 5.06 22.81
C SER B 322 -22.03 3.75 23.59
N GLU B 323 -20.87 3.09 23.51
CA GLU B 323 -20.61 1.91 24.33
C GLU B 323 -20.59 2.26 25.80
N ARG B 324 -19.98 3.40 26.13
CA ARG B 324 -19.86 3.80 27.51
C ARG B 324 -21.26 4.13 28.07
N LEU B 325 -22.03 4.92 27.32
CA LEU B 325 -23.36 5.31 27.76
C LEU B 325 -24.41 4.23 27.69
N PHE B 326 -24.43 3.37 26.69
CA PHE B 326 -25.56 2.49 26.50
C PHE B 326 -25.22 1.05 26.49
N ASN B 327 -23.97 0.66 26.69
CA ASN B 327 -23.68 -0.76 26.69
C ASN B 327 -22.81 -1.12 27.85
N ASN B 328 -22.90 -0.32 28.93
CA ASN B 328 -22.31 -0.62 30.23
C ASN B 328 -20.80 -0.78 30.18
N LYS B 329 -20.08 0.13 29.54
CA LYS B 329 -18.64 0.02 29.54
C LYS B 329 -18.21 1.32 30.18
N PRO B 330 -18.31 1.50 31.50
CA PRO B 330 -18.21 2.83 32.14
C PRO B 330 -16.91 3.60 31.90
N ASP B 331 -15.88 2.83 31.53
CA ASP B 331 -14.58 3.36 31.23
C ASP B 331 -14.24 3.47 29.75
N GLU B 332 -15.02 2.95 28.78
CA GLU B 332 -14.67 3.11 27.37
C GLU B 332 -14.43 4.57 26.97
N HIS B 333 -13.34 4.75 26.23
CA HIS B 333 -12.98 6.07 25.73
C HIS B 333 -11.91 5.88 24.65
N LEU B 334 -11.63 6.87 23.80
CA LEU B 334 -10.62 6.74 22.76
C LEU B 334 -9.25 7.18 23.31
N ASP B 335 -8.17 6.45 23.03
CA ASP B 335 -6.82 6.90 23.37
C ASP B 335 -6.38 7.74 22.18
N TYR B 336 -6.13 8.99 22.44
CA TYR B 336 -5.78 9.88 21.37
C TYR B 336 -4.30 9.81 21.03
N SER B 337 -3.50 8.90 21.56
CA SER B 337 -2.10 8.83 21.21
C SER B 337 -1.89 7.86 20.10
N ASN B 338 -0.81 8.05 19.35
CA ASN B 338 -0.41 7.15 18.27
C ASN B 338 -1.49 6.96 17.23
N ILE B 339 -2.13 8.06 16.86
CA ILE B 339 -3.12 8.02 15.82
C ILE B 339 -2.37 8.11 14.50
N PRO B 340 -2.57 7.24 13.52
CA PRO B 340 -1.85 7.29 12.26
C PRO B 340 -2.46 8.28 11.30
N THR B 341 -1.68 8.92 10.44
CA THR B 341 -2.23 9.84 9.47
C THR B 341 -1.62 9.53 8.11
N VAL B 342 -2.40 9.55 7.04
CA VAL B 342 -1.84 9.55 5.70
C VAL B 342 -2.22 10.87 5.05
N VAL B 343 -1.30 11.49 4.33
CA VAL B 343 -1.59 12.72 3.57
C VAL B 343 -1.45 12.27 2.15
N PHE B 344 -2.45 12.59 1.34
CA PHE B 344 -2.44 12.21 -0.06
C PHE B 344 -1.83 13.34 -0.85
N SER B 345 -0.57 13.63 -0.51
CA SER B 345 0.28 14.52 -1.26
C SER B 345 0.87 13.74 -2.44
N HIS B 346 1.70 14.42 -3.25
CA HIS B 346 2.52 13.80 -4.28
C HIS B 346 3.95 13.82 -3.76
N PRO B 347 4.68 12.76 -3.37
CA PRO B 347 4.14 11.42 -3.14
C PRO B 347 3.37 11.37 -1.81
N PRO B 348 2.61 10.33 -1.49
CA PRO B 348 1.93 10.31 -0.20
C PRO B 348 2.83 10.25 1.02
N ILE B 349 2.27 10.61 2.15
CA ILE B 349 2.99 10.65 3.38
C ILE B 349 2.30 9.76 4.35
N GLY B 350 3.01 9.05 5.17
CA GLY B 350 2.33 8.32 6.23
C GLY B 350 3.10 8.56 7.47
N THR B 351 2.50 8.82 8.62
CA THR B 351 3.21 9.00 9.86
C THR B 351 2.40 8.55 11.08
N VAL B 352 3.08 8.01 12.09
CA VAL B 352 2.41 7.70 13.33
C VAL B 352 3.49 7.79 14.37
N GLY B 353 3.14 8.25 15.55
CA GLY B 353 4.06 8.32 16.68
C GLY B 353 4.79 9.65 16.64
N LEU B 354 5.87 9.70 17.41
CA LEU B 354 6.70 10.89 17.57
C LEU B 354 7.64 11.16 16.39
N THR B 355 7.79 12.44 16.07
CA THR B 355 8.78 12.87 15.11
C THR B 355 10.14 12.73 15.82
N GLU B 356 11.22 12.74 15.06
CA GLU B 356 12.50 12.65 15.69
C GLU B 356 12.72 13.81 16.70
N PRO B 357 12.47 15.12 16.41
CA PRO B 357 12.54 16.21 17.39
C PRO B 357 11.73 15.92 18.64
N GLN B 358 10.47 15.49 18.49
CA GLN B 358 9.67 15.24 19.68
C GLN B 358 10.27 14.12 20.48
N ALA B 359 10.82 13.10 19.82
CA ALA B 359 11.34 11.97 20.59
C ALA B 359 12.60 12.40 21.35
N ARG B 360 13.50 13.16 20.71
CA ARG B 360 14.70 13.69 21.38
C ARG B 360 14.38 14.60 22.56
N GLU B 361 13.34 15.45 22.49
CA GLU B 361 12.94 16.35 23.56
C GLU B 361 12.41 15.53 24.70
N GLN B 362 11.59 14.55 24.37
CA GLN B 362 10.99 13.80 25.44
C GLN B 362 11.91 12.78 26.08
N TYR B 363 12.80 12.15 25.30
CA TYR B 363 13.63 11.11 25.83
C TYR B 363 15.10 11.48 25.92
N GLY B 364 15.52 12.64 25.42
CA GLY B 364 16.95 12.94 25.42
C GLY B 364 17.61 12.22 24.27
N ASP B 365 18.54 12.95 23.67
CA ASP B 365 19.40 12.47 22.59
C ASP B 365 20.06 11.13 22.81
N ASP B 366 20.45 10.81 24.06
CA ASP B 366 21.17 9.60 24.34
C ASP B 366 20.33 8.36 24.24
N GLN B 367 19.04 8.57 24.38
CA GLN B 367 18.12 7.47 24.35
C GLN B 367 17.58 7.19 22.97
N VAL B 368 17.69 8.13 22.02
CA VAL B 368 17.01 7.97 20.75
C VAL B 368 17.93 7.39 19.71
N LYS B 369 17.50 6.38 18.98
CA LYS B 369 18.21 5.80 17.85
C LYS B 369 17.30 5.99 16.63
N VAL B 370 17.77 6.52 15.50
CA VAL B 370 16.95 6.77 14.31
C VAL B 370 17.51 5.88 13.21
N TYR B 371 16.68 5.26 12.40
CA TYR B 371 17.08 4.49 11.26
C TYR B 371 16.36 5.16 10.11
N LYS B 372 17.05 5.28 9.00
CA LYS B 372 16.54 6.00 7.86
C LYS B 372 16.92 5.18 6.64
N SER B 373 16.18 5.37 5.57
CA SER B 373 16.38 4.69 4.32
C SER B 373 15.86 5.69 3.27
N SER B 374 16.47 5.66 2.12
CA SER B 374 16.16 6.62 1.11
C SER B 374 16.43 5.83 -0.14
N PHE B 375 15.53 5.83 -1.09
CA PHE B 375 15.72 5.07 -2.31
C PHE B 375 14.89 5.66 -3.40
N THR B 376 14.79 5.15 -4.62
CA THR B 376 13.95 5.75 -5.65
C THR B 376 12.76 4.84 -5.77
N ALA B 377 11.57 5.38 -5.93
CA ALA B 377 10.35 4.59 -5.98
C ALA B 377 10.44 3.72 -7.24
N MET B 378 10.29 2.38 -7.24
CA MET B 378 10.52 1.58 -8.42
C MET B 378 9.66 1.95 -9.64
N TYR B 379 8.42 2.38 -9.36
CA TYR B 379 7.52 2.84 -10.43
C TYR B 379 8.19 3.99 -11.24
N THR B 380 8.86 4.91 -10.57
CA THR B 380 9.47 6.04 -11.26
C THR B 380 10.93 5.72 -11.61
N ALA B 381 11.57 4.67 -11.05
CA ALA B 381 13.01 4.40 -11.28
C ALA B 381 13.39 4.14 -12.74
N VAL B 382 12.50 3.65 -13.59
CA VAL B 382 12.80 3.44 -14.99
C VAL B 382 12.45 4.63 -15.87
N THR B 383 12.05 5.76 -15.29
CA THR B 383 11.61 6.92 -16.08
C THR B 383 12.65 8.02 -15.91
N THR B 384 12.46 9.12 -16.60
CA THR B 384 13.28 10.29 -16.46
C THR B 384 12.72 11.15 -15.32
N HIS B 385 11.73 10.68 -14.53
CA HIS B 385 11.15 11.45 -13.46
C HIS B 385 11.23 10.66 -12.19
N ARG B 386 12.43 10.30 -11.75
CA ARG B 386 12.63 9.51 -10.55
C ARG B 386 12.20 10.29 -9.33
N GLN B 387 11.54 9.63 -8.43
CA GLN B 387 11.07 10.32 -7.26
C GLN B 387 11.57 9.58 -6.04
N PRO B 388 12.09 10.27 -5.02
CA PRO B 388 12.52 9.68 -3.78
C PRO B 388 11.40 9.04 -2.97
N CYS B 389 11.84 8.12 -2.13
CA CYS B 389 11.03 7.52 -1.10
C CYS B 389 11.91 7.57 0.11
N ARG B 390 11.48 8.15 1.24
CA ARG B 390 12.38 8.23 2.39
C ARG B 390 11.56 7.76 3.55
N MET B 391 12.19 6.95 4.37
CA MET B 391 11.54 6.36 5.52
C MET B 391 12.38 6.49 6.76
N LYS B 392 11.72 6.55 7.90
CA LYS B 392 12.41 6.73 9.15
C LYS B 392 11.75 5.96 10.25
N LEU B 393 12.50 5.23 11.08
CA LEU B 393 12.01 4.61 12.28
C LEU B 393 12.67 5.36 13.41
N VAL B 394 11.91 5.77 14.43
CA VAL B 394 12.47 6.49 15.56
C VAL B 394 12.40 5.49 16.72
N CYS B 395 13.51 5.12 17.36
CA CYS B 395 13.51 4.13 18.45
C CYS B 395 14.03 4.70 19.76
N VAL B 396 13.58 4.22 20.93
CA VAL B 396 14.12 4.63 22.20
C VAL B 396 14.55 3.44 23.06
N GLY B 397 15.63 3.68 23.78
CA GLY B 397 16.13 2.77 24.81
C GLY B 397 16.98 1.68 24.22
N SER B 398 17.50 0.89 25.16
CA SER B 398 18.29 -0.30 24.85
C SER B 398 17.55 -1.24 23.92
N GLU B 399 16.28 -1.46 24.28
CA GLU B 399 15.35 -2.32 23.56
C GLU B 399 14.95 -1.82 22.19
N GLU B 400 15.22 -0.55 21.90
CA GLU B 400 14.85 0.09 20.67
C GLU B 400 13.36 -0.01 20.40
N LYS B 401 12.60 0.46 21.39
CA LYS B 401 11.16 0.47 21.27
C LYS B 401 10.87 1.47 20.17
N ILE B 402 10.01 1.14 19.22
CA ILE B 402 9.71 2.06 18.12
C ILE B 402 8.66 3.06 18.63
N VAL B 403 8.93 4.37 18.52
CA VAL B 403 7.98 5.35 18.99
C VAL B 403 7.49 6.24 17.84
N GLY B 404 8.04 6.16 16.62
CA GLY B 404 7.57 6.97 15.49
C GLY B 404 7.94 6.21 14.24
N ILE B 405 7.13 6.23 13.19
CA ILE B 405 7.37 5.54 11.92
C ILE B 405 6.91 6.60 10.91
N HIS B 406 7.75 7.05 9.98
CA HIS B 406 7.43 8.16 9.12
C HIS B 406 7.85 7.79 7.72
N GLY B 407 7.15 8.16 6.69
CA GLY B 407 7.63 7.86 5.35
C GLY B 407 6.99 8.78 4.35
N ILE B 408 7.63 9.10 3.22
CA ILE B 408 7.03 9.84 2.18
C ILE B 408 7.48 9.06 0.95
N GLY B 409 6.55 8.70 0.07
CA GLY B 409 6.86 7.98 -1.14
C GLY B 409 5.68 7.11 -1.59
N PHE B 410 5.66 6.72 -2.86
CA PHE B 410 4.66 5.78 -3.38
C PHE B 410 4.53 4.58 -2.49
N GLY B 411 3.30 4.25 -2.09
CA GLY B 411 3.03 3.11 -1.24
C GLY B 411 2.79 3.50 0.19
N MET B 412 3.14 4.72 0.66
CA MET B 412 2.95 5.07 2.07
C MET B 412 1.49 5.04 2.48
N ASP B 413 0.58 5.34 1.54
CA ASP B 413 -0.86 5.39 1.82
C ASP B 413 -1.47 4.05 2.25
N GLU B 414 -1.08 2.95 1.61
CA GLU B 414 -1.56 1.63 2.03
C GLU B 414 -0.63 0.95 2.99
N MET B 415 0.68 1.21 3.10
CA MET B 415 1.46 0.41 4.03
C MET B 415 1.34 0.76 5.50
N LEU B 416 0.89 1.97 5.83
CA LEU B 416 0.97 2.40 7.21
C LEU B 416 0.04 1.70 8.16
N GLN B 417 -1.18 1.28 7.78
CA GLN B 417 -2.09 0.76 8.79
C GLN B 417 -1.57 -0.38 9.64
N GLY B 418 -0.97 -1.39 9.01
CA GLY B 418 -0.40 -2.56 9.71
C GLY B 418 0.78 -2.22 10.62
N PHE B 419 1.70 -1.37 10.14
CA PHE B 419 2.74 -0.91 11.05
C PHE B 419 2.12 -0.09 12.21
N ALA B 420 0.99 0.63 12.08
CA ALA B 420 0.42 1.35 13.22
C ALA B 420 -0.11 0.33 14.22
N VAL B 421 -0.63 -0.82 13.79
CA VAL B 421 -1.09 -1.85 14.72
C VAL B 421 0.11 -2.35 15.51
N ALA B 422 1.24 -2.56 14.80
CA ALA B 422 2.45 -3.12 15.46
C ALA B 422 2.99 -2.14 16.50
N LEU B 423 2.89 -0.84 16.21
CA LEU B 423 3.38 0.19 17.12
C LEU B 423 2.50 0.24 18.35
N LYS B 424 1.22 0.07 18.12
CA LYS B 424 0.22 0.03 19.18
C LYS B 424 0.52 -1.21 20.01
N MET B 425 0.91 -2.35 19.45
CA MET B 425 1.30 -3.55 20.20
C MET B 425 2.62 -3.39 20.97
N GLY B 426 3.34 -2.25 20.81
CA GLY B 426 4.62 -2.04 21.49
C GLY B 426 5.80 -2.66 20.76
N ALA B 427 5.78 -2.75 19.42
CA ALA B 427 6.90 -3.28 18.64
C ALA B 427 8.29 -2.66 18.93
N THR B 428 9.36 -3.48 18.91
CA THR B 428 10.75 -3.00 18.99
C THR B 428 11.37 -3.19 17.63
N LYS B 429 12.56 -2.63 17.36
CA LYS B 429 13.22 -2.84 16.07
C LYS B 429 13.49 -4.34 15.79
N LYS B 430 13.78 -5.16 16.80
CA LYS B 430 13.94 -6.59 16.66
C LYS B 430 12.67 -7.22 16.07
N ASP B 431 11.46 -6.83 16.51
CA ASP B 431 10.21 -7.36 16.00
C ASP B 431 10.05 -7.08 14.51
N PHE B 432 10.46 -5.91 14.02
CA PHE B 432 10.37 -5.63 12.60
C PHE B 432 11.41 -6.48 11.87
N ASP B 433 12.61 -6.56 12.43
CA ASP B 433 13.69 -7.32 11.85
C ASP B 433 13.45 -8.80 11.77
N ASN B 434 12.70 -9.41 12.68
CA ASN B 434 12.41 -10.82 12.60
C ASN B 434 11.25 -11.18 11.69
N THR B 435 10.61 -10.21 11.02
CA THR B 435 9.57 -10.49 10.03
C THR B 435 10.19 -10.58 8.65
N VAL B 436 9.88 -11.63 7.89
CA VAL B 436 10.38 -11.81 6.54
C VAL B 436 9.80 -10.75 5.61
N ALA B 437 10.62 -10.19 4.75
CA ALA B 437 10.27 -9.14 3.87
C ALA B 437 9.37 -9.61 2.76
N ILE B 438 8.67 -8.71 2.10
CA ILE B 438 7.93 -9.03 0.89
C ILE B 438 8.64 -8.27 -0.21
N HIS B 439 9.08 -8.96 -1.25
CA HIS B 439 9.88 -8.30 -2.26
C HIS B 439 9.24 -8.42 -3.61
N PRO B 440 9.22 -7.46 -4.52
CA PRO B 440 9.69 -6.08 -4.31
C PRO B 440 8.60 -5.14 -3.85
N THR B 441 8.63 -4.56 -2.65
CA THR B 441 7.66 -3.57 -2.25
C THR B 441 8.44 -2.36 -1.72
N ALA B 442 7.79 -1.24 -1.48
CA ALA B 442 8.42 -0.16 -0.72
C ALA B 442 8.37 -0.54 0.76
N ALA B 443 7.29 -1.22 1.20
CA ALA B 443 7.09 -1.51 2.62
C ALA B 443 8.17 -2.40 3.24
N GLU B 444 8.79 -3.29 2.45
CA GLU B 444 9.87 -4.14 2.99
C GLU B 444 11.04 -3.35 3.54
N GLU B 445 11.20 -2.08 3.13
CA GLU B 445 12.25 -1.27 3.67
C GLU B 445 12.22 -1.08 5.19
N PHE B 446 11.04 -1.07 5.77
CA PHE B 446 10.96 -0.91 7.23
C PHE B 446 11.37 -2.19 7.93
N VAL B 447 11.45 -3.38 7.30
CA VAL B 447 11.82 -4.56 8.07
C VAL B 447 13.28 -4.98 7.74
N THR B 448 13.98 -4.21 6.90
CA THR B 448 15.35 -4.51 6.49
C THR B 448 16.25 -3.28 6.74
N MET B 449 15.95 -2.43 7.72
CA MET B 449 16.71 -1.20 7.93
C MET B 449 17.88 -1.54 8.82
N ARG B 450 19.00 -0.91 8.53
CA ARG B 450 20.28 -1.23 9.13
C ARG B 450 20.86 0.07 9.66
PA FAD C . 18.93 -17.58 -7.73
O1A FAD C . 18.26 -18.30 -8.83
O2A FAD C . 18.64 -16.17 -7.60
O5B FAD C . 20.47 -17.55 -8.04
C5B FAD C . 21.42 -18.71 -8.11
C4B FAD C . 22.66 -18.30 -8.95
O4B FAD C . 23.51 -19.43 -9.12
C3B FAD C . 22.34 -17.88 -10.39
O3B FAD C . 22.65 -16.49 -10.59
C2B FAD C . 23.12 -18.86 -11.24
O2B FAD C . 23.60 -18.32 -12.49
C1B FAD C . 24.23 -19.28 -10.34
N9A FAD C . 24.78 -20.58 -10.66
C8A FAD C . 24.15 -21.79 -10.75
N7A FAD C . 24.93 -22.85 -10.73
C5A FAD C . 26.23 -22.33 -10.66
C6A FAD C . 27.50 -22.94 -10.64
N6A FAD C . 27.67 -24.27 -10.53
N1A FAD C . 28.55 -22.10 -10.57
C2A FAD C . 28.33 -20.79 -10.57
N3A FAD C . 27.21 -20.06 -10.59
C4A FAD C . 26.14 -20.90 -10.64
N1 FAD C . 10.44 -13.98 -5.44
C2 FAD C . 10.00 -12.94 -4.70
O2 FAD C . 10.24 -12.90 -3.49
N3 FAD C . 9.27 -11.88 -5.25
C4 FAD C . 9.00 -11.84 -6.61
O4 FAD C . 8.46 -10.82 -7.08
C4X FAD C . 9.42 -13.01 -7.40
N5 FAD C . 9.12 -13.10 -8.71
C5X FAD C . 9.64 -14.07 -9.47
C6 FAD C . 9.32 -14.05 -10.83
C7 FAD C . 9.80 -15.05 -11.72
C7M FAD C . 9.40 -15.09 -13.18
C8 FAD C . 10.69 -16.06 -11.19
C8M FAD C . 11.36 -17.06 -12.10
C9 FAD C . 10.99 -16.07 -9.80
C9A FAD C . 10.50 -15.06 -8.93
N10 FAD C . 10.76 -15.00 -7.57
C10 FAD C . 10.23 -14.01 -6.78
C1' FAD C . 11.59 -16.03 -6.92
C2' FAD C . 13.06 -15.61 -6.67
O2' FAD C . 13.57 -15.17 -7.91
C3' FAD C . 13.85 -16.78 -6.16
O3' FAD C . 13.17 -17.45 -5.07
C4' FAD C . 15.27 -16.37 -5.71
O4' FAD C . 15.91 -15.85 -6.83
C5' FAD C . 16.05 -17.58 -5.34
O5' FAD C . 17.39 -17.27 -4.79
P FAD C . 18.54 -18.27 -4.87
O1P FAD C . 19.68 -17.67 -4.17
O2P FAD C . 18.10 -19.53 -4.36
O3P FAD C . 18.82 -18.42 -6.38
PA FAD D . -18.41 16.81 10.07
O1A FAD D . -18.00 18.14 9.58
O2A FAD D . -18.10 15.69 9.17
O5B FAD D . -19.94 16.90 10.18
C5B FAD D . -20.66 17.88 11.05
C4B FAD D . -22.08 18.00 10.50
O4B FAD D . -22.88 18.80 11.40
C3B FAD D . -22.13 18.66 9.11
O3B FAD D . -22.73 17.74 8.18
C2B FAD D . -22.99 19.90 9.36
O2B FAD D . -23.84 20.28 8.28
C1B FAD D . -23.83 19.47 10.57
N9A FAD D . -24.33 20.63 11.31
C8A FAD D . -23.64 21.69 11.82
N7A FAD D . -24.34 22.42 12.63
C5A FAD D . -25.60 21.87 12.66
C6A FAD D . -26.76 22.20 13.36
N6A FAD D . -26.76 23.10 14.35
N1A FAD D . -27.85 21.49 13.06
C2A FAD D . -27.79 20.50 12.18
N3A FAD D . -26.74 20.00 11.55
C4A FAD D . -25.63 20.76 11.78
N1 FAD D . -10.08 13.12 7.41
C2 FAD D . -9.60 11.90 7.19
O2 FAD D . -9.54 11.07 8.07
N3 FAD D . -9.14 11.52 5.97
C4 FAD D . -9.18 12.39 4.89
O4 FAD D . -8.80 11.99 3.80
C4X FAD D . -9.63 13.74 5.13
N5 FAD D . -9.60 14.65 4.14
C5X FAD D . -10.19 15.85 4.36
C6 FAD D . -10.20 16.74 3.27
C7 FAD D . -10.76 18.01 3.43
C7M FAD D . -10.73 19.00 2.28
C8 FAD D . -11.40 18.34 4.67
C8M FAD D . -12.08 19.69 4.84
C9 FAD D . -11.41 17.45 5.74
C9A FAD D . -10.81 16.18 5.60
N10 FAD D . -10.73 15.27 6.61
C10 FAD D . -10.17 14.04 6.41
C1' FAD D . -11.17 15.63 7.98
C2' FAD D . -12.61 15.10 8.20
O2' FAD D . -13.38 15.49 7.08
C3' FAD D . -13.20 15.59 9.50
O3' FAD D . -12.26 15.37 10.55
C4' FAD D . -14.55 14.89 9.84
O4' FAD D . -15.54 15.15 8.82
C5' FAD D . -15.01 15.43 11.16
O5' FAD D . -16.29 14.82 11.59
P FAD D . -17.30 15.54 12.46
O1P FAD D . -18.32 14.53 12.84
O2P FAD D . -16.64 16.19 13.63
O3P FAD D . -17.90 16.64 11.53
#